data_2O1U
#
_entry.id   2O1U
#
_cell.length_a   99.330
_cell.length_b   109.260
_cell.length_c   148.887
_cell.angle_alpha   90.00
_cell.angle_beta   90.00
_cell.angle_gamma   90.00
#
_symmetry.space_group_name_H-M   'P 21 21 21'
#
loop_
_entity.id
_entity.type
_entity.pdbx_description
1 polymer Endoplasmin
2 non-polymer 'MAGNESIUM ION'
3 non-polymer 'PHOSPHOAMINOPHOSPHONIC ACID-ADENYLATE ESTER'
4 water water
#
_entity_poly.entity_id   1
_entity_poly.type   'polypeptide(L)'
_entity_poly.pdbx_seq_one_letter_code
;MGSSHHHHHHSSGLVPRGSHMSEKFAFQAEVNRMMKLIINSLYKNKEIFLRELISNASDALDKIRLISLTDENALAGNEE
LTVKIKCDKEKNLLHVTDTGVGMTREELVKNLGTIAKSGTSEFLNKMTEAQEDGQSTSELIGQFGVGFYSAFLVADKVIV
TSKHNNDTQHIWESDSNEFSVIADPRGNTLGRGTTITLVLKEEASDYLELDTIKNLVKKYSQFINFPIYVWSSKTGGGGK
TVWDWELMNDIKPIWQRPSKEVEDDEYKAFYKSFSKESDDPMAYIHFTAEGEVTFKSILFVPTSAPRGLFDEYGSKKSDY
IKLYVRRVFITDDFHDMMPKYLNFVKGVVDSDDLPLNVSRETLQQHKLLKVIRKKLVRKTLDMIKKIADEKYNDTFWKEF
GTNIKLGVIEDHSNRTRLAKLLRFQSSHHPSDITSLDQYVERMKEKQDKIYFMAGSSRKEAESSPFVERLLKKGYEVIYL
TEPVDEYCIQALPEFDGKRFQNVAKEGVKFDESEKTKESREAIEKEFEPLLNWMKDKALKDKIEKAVVSQRLTESPCALV
ASQYGWSGNMERIMKAQAYQTGKDISTNYYASQKKTFEINPRHPLIKDMLRRVKEDEDDKTVSDLAVVLFETATLRSGYL
LPDTKAYGDRIERMLRLSLNIDPDAK
;
_entity_poly.pdbx_strand_id   A,B
#
loop_
_chem_comp.id
_chem_comp.type
_chem_comp.name
_chem_comp.formula
ANP non-polymer 'PHOSPHOAMINOPHOSPHONIC ACID-ADENYLATE ESTER' 'C10 H17 N6 O12 P3'
MG non-polymer 'MAGNESIUM ION' 'Mg 2'
#
# COMPACT_ATOMS: atom_id res chain seq x y z
N MET A 34 16.99 5.83 -25.56
CA MET A 34 17.33 7.01 -26.41
C MET A 34 18.82 7.34 -26.32
N MET A 35 19.60 6.81 -27.25
CA MET A 35 21.05 7.06 -27.28
C MET A 35 21.33 8.44 -27.86
N LYS A 36 21.13 8.56 -29.17
CA LYS A 36 21.36 9.82 -29.90
C LYS A 36 20.03 10.56 -30.12
N LEU A 37 19.03 10.21 -29.33
CA LEU A 37 17.71 10.82 -29.39
C LEU A 37 17.51 11.76 -28.20
N ILE A 38 18.63 12.25 -27.67
CA ILE A 38 18.63 13.17 -26.54
C ILE A 38 19.24 14.51 -26.99
N ILE A 39 20.22 14.44 -27.89
CA ILE A 39 20.90 15.63 -28.40
C ILE A 39 19.96 16.65 -29.05
N ASN A 40 18.96 16.17 -29.79
CA ASN A 40 17.98 17.03 -30.47
C ASN A 40 16.82 17.49 -29.58
N SER A 41 16.48 16.69 -28.57
CA SER A 41 15.39 17.03 -27.65
C SER A 41 15.83 18.07 -26.60
N LEU A 42 17.14 18.30 -26.53
CA LEU A 42 17.74 19.27 -25.61
C LEU A 42 18.69 20.20 -26.36
N TYR A 43 18.31 20.58 -27.58
CA TYR A 43 19.13 21.49 -28.38
C TYR A 43 18.84 22.91 -27.90
N LYS A 44 17.76 23.03 -27.12
CA LYS A 44 17.35 24.28 -26.50
C LYS A 44 18.34 24.47 -25.36
N ASN A 45 18.18 23.65 -24.32
CA ASN A 45 19.07 23.66 -23.17
C ASN A 45 20.38 22.96 -23.55
N LYS A 46 21.26 23.66 -24.26
CA LYS A 46 22.53 23.09 -24.66
C LYS A 46 23.61 23.46 -23.63
N GLU A 47 23.43 24.63 -23.03
CA GLU A 47 24.38 25.17 -22.08
C GLU A 47 24.29 24.55 -20.68
N ILE A 48 23.20 23.83 -20.41
CA ILE A 48 22.98 23.19 -19.11
C ILE A 48 23.97 22.08 -18.77
N PHE A 49 24.80 21.69 -19.75
CA PHE A 49 25.79 20.64 -19.54
C PHE A 49 26.68 20.96 -18.35
N LEU A 50 26.99 22.26 -18.19
CA LEU A 50 27.85 22.74 -17.12
C LEU A 50 27.15 22.68 -15.78
N ARG A 51 25.90 23.15 -15.72
CA ARG A 51 25.08 23.10 -14.51
C ARG A 51 25.05 21.70 -13.95
N GLU A 52 24.85 20.73 -14.85
CA GLU A 52 24.79 19.32 -14.50
C GLU A 52 26.12 18.77 -13.96
N LEU A 53 27.22 19.38 -14.40
CA LEU A 53 28.54 18.95 -13.94
C LEU A 53 28.89 19.61 -12.60
N ILE A 54 28.50 20.88 -12.43
CA ILE A 54 28.71 21.60 -11.18
C ILE A 54 27.91 20.93 -10.07
N SER A 55 26.67 20.53 -10.41
CA SER A 55 25.76 19.82 -9.52
C SER A 55 26.43 18.56 -9.00
N ASN A 56 26.98 17.77 -9.91
CA ASN A 56 27.69 16.54 -9.60
C ASN A 56 28.91 16.75 -8.73
N ALA A 57 29.65 17.82 -9.04
CA ALA A 57 30.84 18.20 -8.29
C ALA A 57 30.48 18.54 -6.84
N SER A 58 29.46 19.37 -6.67
CA SER A 58 28.96 19.78 -5.35
C SER A 58 28.46 18.59 -4.54
N ASP A 59 27.86 17.61 -5.22
CA ASP A 59 27.39 16.40 -4.56
C ASP A 59 28.57 15.59 -4.06
N ALA A 60 29.61 15.52 -4.89
CA ALA A 60 30.82 14.79 -4.53
C ALA A 60 31.50 15.45 -3.33
N LEU A 61 31.41 16.78 -3.26
CA LEU A 61 31.99 17.55 -2.16
C LEU A 61 31.18 17.38 -0.88
N ASP A 62 29.87 17.21 -1.01
CA ASP A 62 28.95 16.97 0.12
C ASP A 62 29.26 15.64 0.78
N LYS A 63 29.51 14.62 -0.05
CA LYS A 63 29.76 13.26 0.41
C LYS A 63 31.04 13.10 1.20
N ILE A 64 32.14 13.60 0.65
CA ILE A 64 33.43 13.47 1.34
C ILE A 64 33.46 14.32 2.62
N ARG A 65 32.81 15.48 2.59
CA ARG A 65 32.72 16.36 3.77
C ARG A 65 31.92 15.67 4.87
N LEU A 66 30.93 14.88 4.46
CA LEU A 66 30.07 14.13 5.38
C LEU A 66 30.85 12.98 6.03
N ILE A 67 31.73 12.35 5.25
CA ILE A 67 32.55 11.25 5.73
C ILE A 67 33.55 11.75 6.79
N SER A 68 34.09 12.95 6.55
CA SER A 68 35.12 13.56 7.42
C SER A 68 34.61 13.98 8.79
N LEU A 69 33.30 13.97 8.99
CA LEU A 69 32.69 14.34 10.27
C LEU A 69 32.88 13.25 11.32
N THR A 70 33.19 12.05 10.84
CA THR A 70 33.41 10.88 11.70
C THR A 70 34.77 10.24 11.41
N ASP A 71 35.59 10.92 10.60
CA ASP A 71 36.91 10.43 10.18
C ASP A 71 37.83 11.64 10.00
N GLU A 72 38.60 11.95 11.03
CA GLU A 72 39.48 13.13 11.06
C GLU A 72 40.54 13.28 9.95
N ASN A 73 40.87 12.18 9.26
CA ASN A 73 41.85 12.23 8.18
C ASN A 73 41.30 11.79 6.81
N ALA A 74 40.04 12.15 6.54
CA ALA A 74 39.41 11.83 5.27
C ALA A 74 39.75 12.88 4.21
N LEU A 75 40.22 14.04 4.66
CA LEU A 75 40.61 15.13 3.78
C LEU A 75 42.12 15.20 3.55
N ALA A 76 42.83 14.17 4.02
CA ALA A 76 44.29 14.09 3.94
C ALA A 76 44.90 14.10 2.53
N GLY A 77 44.18 13.53 1.56
CA GLY A 77 44.65 13.49 0.18
C GLY A 77 44.63 14.87 -0.47
N ASN A 78 43.59 15.64 -0.19
CA ASN A 78 43.43 16.99 -0.71
C ASN A 78 42.68 17.81 0.32
N GLU A 79 43.39 18.75 0.95
CA GLU A 79 42.87 19.57 2.05
C GLU A 79 41.64 20.43 1.75
N GLU A 80 41.59 21.02 0.55
CA GLU A 80 40.50 21.93 0.19
C GLU A 80 39.29 21.24 -0.46
N LEU A 81 38.14 21.91 -0.39
CA LEU A 81 36.88 21.43 -0.96
C LEU A 81 36.40 22.47 -1.97
N THR A 82 36.71 22.24 -3.24
CA THR A 82 36.47 23.24 -4.28
C THR A 82 36.12 22.72 -5.69
N VAL A 83 35.66 23.64 -6.54
CA VAL A 83 35.36 23.34 -7.95
C VAL A 83 36.25 24.21 -8.84
N LYS A 84 37.09 23.56 -9.64
CA LYS A 84 38.03 24.26 -10.51
C LYS A 84 37.75 23.96 -11.99
N ILE A 85 37.68 25.00 -12.81
CA ILE A 85 37.35 24.83 -14.23
C ILE A 85 38.37 25.45 -15.19
N LYS A 86 39.02 24.60 -16.00
CA LYS A 86 40.04 25.07 -16.97
C LYS A 86 39.64 24.92 -18.44
N CYS A 87 40.02 25.92 -19.24
CA CYS A 87 39.80 25.91 -20.68
C CYS A 87 41.13 25.61 -21.36
N ASP A 88 41.19 24.45 -22.02
CA ASP A 88 42.41 24.03 -22.72
C ASP A 88 42.14 24.08 -24.22
N LYS A 89 41.95 25.31 -24.72
CA LYS A 89 41.62 25.59 -26.12
C LYS A 89 42.63 25.04 -27.12
N GLU A 90 43.88 24.87 -26.69
CA GLU A 90 44.93 24.30 -27.52
C GLU A 90 44.65 22.84 -27.90
N LYS A 91 44.12 22.09 -26.95
CA LYS A 91 43.85 20.66 -27.15
C LYS A 91 42.38 20.34 -27.41
N ASN A 92 41.53 21.37 -27.31
CA ASN A 92 40.08 21.24 -27.50
C ASN A 92 39.44 20.52 -26.30
N LEU A 93 39.88 20.87 -25.10
CA LEU A 93 39.40 20.22 -23.88
C LEU A 93 38.80 21.20 -22.87
N LEU A 94 37.76 20.79 -22.18
CA LEU A 94 37.16 21.59 -21.11
C LEU A 94 37.26 20.75 -19.84
N HIS A 95 37.86 21.32 -18.80
CA HIS A 95 38.08 20.58 -17.56
C HIS A 95 37.25 21.09 -16.40
N VAL A 96 36.50 20.18 -15.78
CA VAL A 96 35.73 20.49 -14.59
C VAL A 96 36.35 19.61 -13.52
N THR A 97 37.06 20.23 -12.58
CA THR A 97 37.75 19.52 -11.53
C THR A 97 37.13 19.77 -10.15
N ASP A 98 36.78 18.70 -9.45
CA ASP A 98 36.27 18.81 -8.08
C ASP A 98 37.26 18.09 -7.16
N THR A 99 37.15 18.36 -5.87
CA THR A 99 38.02 17.72 -4.89
C THR A 99 37.14 16.89 -3.96
N GLY A 100 36.01 16.42 -4.52
CA GLY A 100 35.03 15.62 -3.82
C GLY A 100 35.44 14.19 -3.57
N VAL A 101 34.46 13.36 -3.25
CA VAL A 101 34.68 11.94 -2.91
C VAL A 101 35.41 11.16 -4.02
N GLY A 102 35.11 11.48 -5.28
CA GLY A 102 35.72 10.77 -6.40
C GLY A 102 35.10 9.39 -6.57
N MET A 103 35.67 8.59 -7.46
CA MET A 103 35.15 7.25 -7.73
C MET A 103 36.23 6.18 -7.81
N THR A 104 35.90 4.99 -7.34
CA THR A 104 36.81 3.85 -7.37
C THR A 104 36.69 3.13 -8.71
N ARG A 105 37.64 2.21 -8.95
CA ARG A 105 37.67 1.39 -10.16
C ARG A 105 36.30 0.73 -10.38
N GLU A 106 35.76 0.19 -9.30
CA GLU A 106 34.46 -0.49 -9.30
C GLU A 106 33.29 0.47 -9.53
N GLU A 107 33.42 1.70 -9.04
CA GLU A 107 32.36 2.72 -9.19
C GLU A 107 32.33 3.40 -10.55
N LEU A 108 33.46 3.37 -11.27
CA LEU A 108 33.54 3.99 -12.59
C LEU A 108 32.76 3.22 -13.65
N VAL A 109 32.71 1.90 -13.50
CA VAL A 109 32.03 1.04 -14.46
C VAL A 109 30.52 0.97 -14.27
N LYS A 110 30.05 1.39 -13.09
CA LYS A 110 28.63 1.36 -12.77
C LYS A 110 27.98 2.74 -12.88
N ASN A 111 28.43 3.68 -12.05
CA ASN A 111 27.90 5.05 -12.01
C ASN A 111 27.95 5.79 -13.34
N LEU A 112 29.02 5.57 -14.09
CA LEU A 112 29.19 6.20 -15.39
C LEU A 112 28.85 5.22 -16.50
N GLY A 113 27.57 4.92 -16.62
CA GLY A 113 27.08 3.99 -17.63
C GLY A 113 25.61 3.69 -17.42
N THR A 114 25.35 2.64 -16.63
CA THR A 114 23.99 2.19 -16.33
C THR A 114 23.22 3.20 -15.46
N VAL A 146 18.74 14.05 -18.73
CA VAL A 146 19.68 14.86 -17.94
C VAL A 146 20.79 14.00 -17.29
N GLY A 147 21.54 14.59 -16.36
CA GLY A 147 22.59 13.87 -15.66
C GLY A 147 24.01 14.00 -16.21
N PHE A 148 24.72 12.88 -16.22
CA PHE A 148 26.10 12.83 -16.69
C PHE A 148 26.18 12.83 -18.20
N TYR A 149 25.19 12.19 -18.85
CA TYR A 149 25.12 12.12 -20.30
C TYR A 149 24.91 13.47 -20.98
N SER A 150 24.58 14.48 -20.17
CA SER A 150 24.39 15.86 -20.62
C SER A 150 25.66 16.43 -21.26
N ALA A 151 26.78 15.78 -20.96
CA ALA A 151 28.08 16.16 -21.48
C ALA A 151 28.18 15.79 -22.96
N PHE A 152 27.49 14.72 -23.36
CA PHE A 152 27.51 14.28 -24.75
C PHE A 152 26.74 15.22 -25.69
N LEU A 153 26.07 16.22 -25.12
CA LEU A 153 25.35 17.21 -25.90
C LEU A 153 26.31 18.24 -26.48
N VAL A 154 27.50 18.34 -25.87
CA VAL A 154 28.52 19.29 -26.31
C VAL A 154 29.86 18.59 -26.56
N ALA A 155 29.92 17.30 -26.31
CA ALA A 155 31.17 16.55 -26.47
C ALA A 155 31.02 15.20 -27.17
N ASP A 156 31.91 14.97 -28.13
CA ASP A 156 31.92 13.71 -28.90
C ASP A 156 32.63 12.61 -28.11
N LYS A 157 33.60 13.01 -27.30
CA LYS A 157 34.36 12.07 -26.49
C LYS A 157 34.37 12.63 -25.07
N VAL A 158 34.17 11.74 -24.10
CA VAL A 158 34.17 12.15 -22.69
C VAL A 158 35.16 11.32 -21.90
N ILE A 159 36.12 12.01 -21.28
CA ILE A 159 37.12 11.37 -20.44
C ILE A 159 37.11 11.96 -19.03
N VAL A 160 37.06 11.09 -18.01
CA VAL A 160 37.10 11.58 -16.64
C VAL A 160 38.30 11.03 -15.86
N THR A 161 39.12 11.94 -15.34
CA THR A 161 40.23 11.56 -14.49
C THR A 161 39.66 11.60 -13.08
N SER A 162 39.90 10.56 -12.29
CA SER A 162 39.35 10.49 -10.93
C SER A 162 40.26 9.79 -9.92
N LYS A 163 40.20 10.26 -8.67
CA LYS A 163 40.98 9.73 -7.56
C LYS A 163 40.15 9.69 -6.26
N HIS A 164 39.89 8.47 -5.78
CA HIS A 164 39.12 8.22 -4.56
C HIS A 164 40.10 7.84 -3.46
N ASN A 165 39.70 8.01 -2.19
CA ASN A 165 40.58 7.66 -1.06
C ASN A 165 40.88 6.15 -0.97
N ASN A 166 39.94 5.32 -1.40
CA ASN A 166 40.08 3.87 -1.34
C ASN A 166 40.45 3.21 -2.67
N ASP A 167 41.43 3.78 -3.38
CA ASP A 167 41.92 3.25 -4.67
C ASP A 167 42.84 4.26 -5.36
N THR A 168 43.56 3.81 -6.38
CA THR A 168 44.48 4.66 -7.16
C THR A 168 43.73 5.47 -8.22
N GLN A 169 44.44 6.38 -8.88
CA GLN A 169 43.84 7.25 -9.90
C GLN A 169 43.64 6.57 -11.25
N HIS A 170 42.41 6.67 -11.76
CA HIS A 170 42.04 6.05 -13.04
C HIS A 170 41.45 7.03 -14.06
N ILE A 171 41.51 6.65 -15.34
CA ILE A 171 40.94 7.44 -16.44
C ILE A 171 39.88 6.61 -17.17
N TRP A 172 38.66 7.16 -17.23
CA TRP A 172 37.53 6.51 -17.89
C TRP A 172 37.23 7.19 -19.23
N GLU A 173 37.18 6.41 -20.31
CA GLU A 173 36.89 6.93 -21.64
C GLU A 173 35.64 6.31 -22.29
N SER A 174 34.90 7.12 -23.02
CA SER A 174 33.69 6.68 -23.72
C SER A 174 33.23 7.64 -24.82
N ASP A 175 32.87 7.07 -25.96
CA ASP A 175 32.36 7.86 -27.08
C ASP A 175 30.85 8.10 -26.93
N SER A 176 30.17 7.13 -26.31
CA SER A 176 28.73 7.12 -26.04
C SER A 176 28.23 5.68 -25.85
N ASN A 177 28.90 4.74 -26.50
CA ASN A 177 28.53 3.33 -26.45
C ASN A 177 29.31 2.45 -25.46
N GLU A 178 30.39 1.84 -25.94
CA GLU A 178 31.24 0.96 -25.13
C GLU A 178 32.07 1.74 -24.11
N PHE A 179 32.82 1.02 -23.26
CA PHE A 179 33.67 1.65 -22.26
C PHE A 179 34.92 0.85 -21.90
N SER A 180 35.88 1.53 -21.28
CA SER A 180 37.14 0.93 -20.84
C SER A 180 37.76 1.78 -19.74
N VAL A 181 38.33 1.12 -18.73
CA VAL A 181 38.94 1.82 -17.59
C VAL A 181 40.41 1.46 -17.43
N ILE A 182 41.27 2.48 -17.50
CA ILE A 182 42.71 2.30 -17.35
C ILE A 182 43.26 3.15 -16.19
N ALA A 183 44.34 2.68 -15.58
CA ALA A 183 44.98 3.43 -14.52
C ALA A 183 45.75 4.59 -15.15
N ASP A 184 45.64 5.77 -14.54
CA ASP A 184 46.29 6.97 -15.02
C ASP A 184 47.82 6.82 -14.97
N PRO A 185 48.48 6.87 -16.15
CA PRO A 185 49.94 6.72 -16.26
C PRO A 185 50.74 7.84 -15.57
N ARG A 186 50.06 8.94 -15.26
CA ARG A 186 50.71 10.07 -14.58
C ARG A 186 50.90 9.81 -13.09
N GLY A 187 50.04 8.97 -12.54
CA GLY A 187 50.05 8.65 -11.11
C GLY A 187 48.84 9.33 -10.49
N ASN A 188 49.02 9.87 -9.29
CA ASN A 188 47.93 10.59 -8.61
C ASN A 188 48.13 12.10 -8.71
N THR A 189 47.35 12.72 -9.59
CA THR A 189 47.41 14.16 -9.86
C THR A 189 46.54 15.00 -8.93
N LEU A 190 45.31 14.54 -8.68
CA LEU A 190 44.36 15.31 -7.88
C LEU A 190 44.43 15.12 -6.38
N GLY A 191 44.95 13.97 -5.93
CA GLY A 191 44.98 13.65 -4.50
C GLY A 191 43.62 13.09 -4.10
N ARG A 192 42.58 13.80 -4.50
CA ARG A 192 41.18 13.38 -4.30
C ARG A 192 40.28 14.20 -5.21
N GLY A 193 39.21 13.57 -5.69
CA GLY A 193 38.24 14.25 -6.54
C GLY A 193 38.11 13.66 -7.93
N THR A 194 37.62 14.46 -8.86
CA THR A 194 37.39 14.03 -10.23
C THR A 194 37.48 15.19 -11.20
N THR A 195 38.12 14.95 -12.35
CA THR A 195 38.18 15.94 -13.41
C THR A 195 37.42 15.44 -14.62
N ILE A 196 36.33 16.12 -14.94
CA ILE A 196 35.55 15.79 -16.12
C ILE A 196 36.17 16.56 -17.29
N THR A 197 36.71 15.82 -18.25
CA THR A 197 37.32 16.44 -19.42
C THR A 197 36.46 16.16 -20.65
N LEU A 198 36.02 17.24 -21.29
CA LEU A 198 35.16 17.13 -22.46
C LEU A 198 35.88 17.51 -23.74
N VAL A 199 35.95 16.56 -24.68
CA VAL A 199 36.49 16.83 -26.01
C VAL A 199 35.34 17.54 -26.71
N LEU A 200 35.39 18.87 -26.63
CA LEU A 200 34.34 19.77 -27.08
C LEU A 200 34.13 19.76 -28.59
N LYS A 201 32.89 19.53 -29.02
CA LYS A 201 32.59 19.48 -30.46
C LYS A 201 32.63 20.84 -31.15
N GLU A 202 32.67 20.80 -32.49
CA GLU A 202 32.76 21.98 -33.37
C GLU A 202 31.85 23.15 -33.05
N GLU A 203 30.55 22.90 -32.90
CA GLU A 203 29.58 23.97 -32.62
C GLU A 203 29.68 24.42 -31.16
N ALA A 204 30.16 23.52 -30.29
CA ALA A 204 30.35 23.81 -28.89
C ALA A 204 31.74 24.41 -28.66
N SER A 205 32.54 24.44 -29.71
CA SER A 205 33.89 24.99 -29.64
C SER A 205 33.86 26.52 -29.61
N ASP A 206 33.31 27.04 -28.51
CA ASP A 206 33.20 28.47 -28.26
C ASP A 206 33.07 28.68 -26.75
N TYR A 207 32.80 27.59 -26.03
CA TYR A 207 32.71 27.62 -24.57
C TYR A 207 34.09 27.86 -23.97
N LEU A 208 35.14 27.47 -24.70
CA LEU A 208 36.51 27.67 -24.25
C LEU A 208 36.92 29.14 -24.39
N GLU A 209 36.03 30.03 -23.95
CA GLU A 209 36.25 31.45 -24.03
C GLU A 209 36.43 32.04 -22.62
N LEU A 210 37.19 33.13 -22.54
CA LEU A 210 37.48 33.82 -21.27
C LEU A 210 36.30 34.57 -20.66
N ASP A 211 35.10 34.32 -21.17
CA ASP A 211 33.90 34.97 -20.66
C ASP A 211 32.65 34.09 -20.75
N THR A 212 32.69 33.09 -21.64
CA THR A 212 31.55 32.18 -21.82
C THR A 212 31.37 31.30 -20.57
N ILE A 213 32.46 30.69 -20.10
CA ILE A 213 32.43 29.89 -18.87
C ILE A 213 32.13 30.83 -17.71
N LYS A 214 32.84 31.95 -17.68
CA LYS A 214 32.73 33.00 -16.66
C LYS A 214 31.26 33.37 -16.39
N ASN A 215 30.50 33.59 -17.45
CA ASN A 215 29.10 33.99 -17.34
C ASN A 215 28.13 32.83 -17.06
N LEU A 216 28.43 31.65 -17.62
CA LEU A 216 27.58 30.47 -17.40
C LEU A 216 27.67 29.94 -15.98
N VAL A 217 28.88 30.00 -15.42
CA VAL A 217 29.09 29.59 -14.03
C VAL A 217 28.30 30.56 -13.15
N LYS A 218 28.46 31.86 -13.41
CA LYS A 218 27.80 32.93 -12.64
C LYS A 218 26.25 32.92 -12.69
N LYS A 219 25.67 31.96 -13.42
CA LYS A 219 24.19 31.82 -13.47
C LYS A 219 23.73 30.40 -13.12
N TYR A 220 24.60 29.42 -13.32
CA TYR A 220 24.30 28.01 -12.99
C TYR A 220 25.03 27.51 -11.73
N SER A 221 25.80 28.39 -11.11
CA SER A 221 26.52 28.05 -9.87
C SER A 221 25.77 28.65 -8.72
N GLN A 222 24.68 29.34 -9.04
CA GLN A 222 23.84 29.95 -8.05
C GLN A 222 23.37 28.81 -7.16
N PHE A 223 23.51 29.01 -5.85
CA PHE A 223 23.08 28.04 -4.84
C PHE A 223 24.03 26.84 -4.68
N ILE A 224 25.23 26.95 -5.27
CA ILE A 224 26.26 25.95 -5.05
C ILE A 224 27.06 26.51 -3.87
N ASN A 225 27.11 25.74 -2.79
CA ASN A 225 27.76 26.20 -1.55
C ASN A 225 29.23 25.85 -1.36
N PHE A 226 29.94 25.68 -2.47
CA PHE A 226 31.37 25.41 -2.49
C PHE A 226 31.96 26.41 -3.44
N PRO A 227 33.18 26.90 -3.15
CA PRO A 227 33.79 27.89 -4.03
C PRO A 227 34.12 27.34 -5.42
N ILE A 228 33.80 28.13 -6.44
CA ILE A 228 34.06 27.74 -7.83
C ILE A 228 35.04 28.70 -8.49
N TYR A 229 36.20 28.15 -8.85
CA TYR A 229 37.23 28.94 -9.47
C TYR A 229 37.39 28.57 -10.93
N VAL A 230 37.73 29.58 -11.73
CA VAL A 230 38.03 29.37 -13.14
C VAL A 230 39.43 29.93 -13.42
N TRP A 231 40.19 29.22 -14.24
CA TRP A 231 41.53 29.61 -14.63
C TRP A 231 41.36 30.80 -15.58
N SER A 232 41.72 31.99 -15.11
CA SER A 232 41.53 33.21 -15.91
C SER A 232 42.70 34.18 -16.00
N SER A 233 42.66 34.99 -17.06
CA SER A 233 43.65 36.01 -17.33
C SER A 233 43.28 37.26 -16.53
N LYS A 234 44.28 38.05 -16.16
CA LYS A 234 44.05 39.30 -15.41
C LYS A 234 45.29 40.20 -15.42
N VAL A 242 48.07 37.73 -15.33
CA VAL A 242 48.63 36.40 -15.07
C VAL A 242 47.53 35.37 -14.91
N TRP A 243 47.76 34.17 -15.44
CA TRP A 243 46.81 33.06 -15.33
C TRP A 243 46.70 32.55 -13.89
N ASP A 244 45.54 32.79 -13.27
CA ASP A 244 45.32 32.37 -11.88
C ASP A 244 43.83 32.16 -11.62
N TRP A 245 43.52 31.39 -10.58
CA TRP A 245 42.13 31.10 -10.19
C TRP A 245 41.38 32.36 -9.76
N GLU A 246 40.10 32.42 -10.13
CA GLU A 246 39.24 33.54 -9.79
C GLU A 246 37.91 33.05 -9.26
N LEU A 247 37.56 33.48 -8.04
CA LEU A 247 36.31 33.10 -7.39
C LEU A 247 35.11 33.64 -8.17
N MET A 248 34.19 32.75 -8.50
CA MET A 248 33.01 33.10 -9.30
C MET A 248 31.71 33.23 -8.52
N ASN A 249 31.52 32.39 -7.52
CA ASN A 249 30.28 32.38 -6.74
C ASN A 249 30.43 32.89 -5.31
N ASP A 250 29.31 32.91 -4.60
CA ASP A 250 29.27 33.31 -3.19
C ASP A 250 28.87 32.07 -2.41
N ILE A 251 29.68 31.69 -1.44
CA ILE A 251 29.47 30.48 -0.64
C ILE A 251 28.28 30.59 0.32
N LYS A 252 27.95 31.81 0.71
CA LYS A 252 26.87 32.10 1.67
C LYS A 252 25.51 31.62 1.18
N PRO A 253 24.85 30.74 1.96
CA PRO A 253 23.54 30.17 1.65
C PRO A 253 22.46 31.23 1.74
N ILE A 254 21.49 31.20 0.83
CA ILE A 254 20.43 32.20 0.85
C ILE A 254 19.49 32.07 2.06
N TRP A 255 19.51 30.89 2.70
CA TRP A 255 18.70 30.69 3.89
C TRP A 255 19.37 31.32 5.12
N GLN A 256 20.64 31.67 4.96
CA GLN A 256 21.42 32.32 6.02
C GLN A 256 21.34 33.85 5.93
N ARG A 257 21.03 34.34 4.74
CA ARG A 257 20.87 35.77 4.48
C ARG A 257 19.56 36.27 5.10
N PRO A 258 19.54 37.53 5.57
CA PRO A 258 18.29 38.08 6.13
C PRO A 258 17.22 38.22 5.05
N SER A 259 15.96 38.04 5.44
CA SER A 259 14.81 38.09 4.53
C SER A 259 14.64 39.41 3.78
N LYS A 260 14.99 40.51 4.43
CA LYS A 260 14.88 41.84 3.86
C LYS A 260 15.70 42.02 2.59
N GLU A 261 16.77 41.24 2.47
CA GLU A 261 17.69 41.32 1.33
C GLU A 261 17.40 40.35 0.18
N VAL A 262 16.77 39.21 0.49
CA VAL A 262 16.49 38.19 -0.52
C VAL A 262 15.29 38.56 -1.39
N GLU A 263 15.52 38.64 -2.70
CA GLU A 263 14.48 38.99 -3.65
C GLU A 263 13.52 37.84 -3.88
N ASP A 264 12.34 38.16 -4.41
CA ASP A 264 11.30 37.19 -4.72
C ASP A 264 11.75 36.19 -5.80
N ASP A 265 12.47 36.70 -6.80
CA ASP A 265 13.01 35.89 -7.89
C ASP A 265 13.99 34.85 -7.36
N GLU A 266 14.81 35.28 -6.40
CA GLU A 266 15.83 34.42 -5.77
C GLU A 266 15.24 33.25 -5.01
N TYR A 267 14.10 33.46 -4.35
CA TYR A 267 13.41 32.39 -3.66
C TYR A 267 12.83 31.38 -4.64
N LYS A 268 12.30 31.90 -5.76
CA LYS A 268 11.74 31.06 -6.81
C LYS A 268 12.83 30.26 -7.52
N ALA A 269 13.94 30.93 -7.82
CA ALA A 269 15.10 30.30 -8.47
C ALA A 269 15.70 29.21 -7.58
N PHE A 270 15.67 29.42 -6.27
CA PHE A 270 16.14 28.43 -5.32
C PHE A 270 15.25 27.20 -5.40
N TYR A 271 13.92 27.40 -5.39
CA TYR A 271 12.97 26.29 -5.47
C TYR A 271 13.23 25.40 -6.69
N LYS A 272 13.45 26.04 -7.83
CA LYS A 272 13.74 25.33 -9.08
C LYS A 272 15.11 24.63 -9.07
N SER A 273 16.08 25.20 -8.37
CA SER A 273 17.44 24.64 -8.31
C SER A 273 17.55 23.25 -7.67
N PHE A 274 16.64 22.92 -6.76
CA PHE A 274 16.72 21.60 -6.12
C PHE A 274 15.56 20.66 -6.38
N SER A 275 14.70 21.03 -7.33
CA SER A 275 13.54 20.20 -7.68
C SER A 275 13.11 20.28 -9.15
N LYS A 276 13.73 21.18 -9.92
CA LYS A 276 13.43 21.43 -11.34
C LYS A 276 11.97 21.85 -11.61
N GLU A 277 11.39 21.25 -12.66
CA GLU A 277 9.98 21.48 -13.07
C GLU A 277 9.71 22.82 -13.77
N SER A 278 10.66 23.75 -13.60
CA SER A 278 10.64 25.11 -14.19
C SER A 278 9.31 25.85 -14.06
N ASP A 279 8.75 25.81 -12.85
CA ASP A 279 7.54 26.54 -12.48
C ASP A 279 7.62 26.90 -11.00
N ASP A 280 7.15 28.11 -10.66
CA ASP A 280 7.22 28.66 -9.31
C ASP A 280 6.58 27.79 -8.23
N PRO A 281 7.04 27.92 -6.97
CA PRO A 281 6.35 27.19 -5.92
C PRO A 281 5.01 27.89 -5.65
N MET A 282 4.06 27.18 -5.06
CA MET A 282 2.77 27.78 -4.75
C MET A 282 2.94 28.83 -3.66
N ALA A 283 3.85 28.55 -2.72
CA ALA A 283 4.13 29.44 -1.62
C ALA A 283 5.47 29.10 -0.99
N TYR A 284 6.03 30.06 -0.26
CA TYR A 284 7.26 29.84 0.46
C TYR A 284 7.31 30.63 1.75
N ILE A 285 8.10 30.14 2.69
CA ILE A 285 8.32 30.84 3.95
C ILE A 285 9.81 30.79 4.25
N HIS A 286 10.36 31.89 4.76
CA HIS A 286 11.75 31.96 5.14
C HIS A 286 11.81 32.50 6.56
N PHE A 287 12.16 31.65 7.50
CA PHE A 287 12.21 32.04 8.90
C PHE A 287 13.48 31.62 9.62
N THR A 288 13.68 32.20 10.80
CA THR A 288 14.77 31.86 11.71
C THR A 288 14.13 31.56 13.05
N ALA A 289 14.58 30.50 13.71
CA ALA A 289 13.98 30.09 14.98
C ALA A 289 14.79 30.47 16.20
N GLU A 290 14.08 30.98 17.21
CA GLU A 290 14.67 31.38 18.48
C GLU A 290 14.01 30.55 19.58
N GLY A 291 14.69 30.40 20.70
CA GLY A 291 14.11 29.62 21.80
C GLY A 291 14.89 28.38 22.15
N GLU A 292 14.20 27.23 22.20
CA GLU A 292 14.85 25.97 22.59
C GLU A 292 15.88 25.51 21.58
N VAL A 293 15.59 25.72 20.31
CA VAL A 293 16.52 25.34 19.27
C VAL A 293 16.61 26.52 18.31
N THR A 294 17.78 26.68 17.72
CA THR A 294 18.04 27.72 16.75
C THR A 294 18.34 27.06 15.41
N PHE A 295 17.73 27.59 14.36
CA PHE A 295 17.95 27.11 13.01
C PHE A 295 17.29 28.08 12.05
N LYS A 296 17.79 28.15 10.84
CA LYS A 296 17.13 28.96 9.82
C LYS A 296 16.52 27.97 8.84
N SER A 297 15.43 28.37 8.20
CA SER A 297 14.75 27.49 7.26
C SER A 297 13.99 28.21 6.15
N ILE A 298 13.84 27.50 5.03
CA ILE A 298 13.04 27.95 3.91
C ILE A 298 12.17 26.76 3.52
N LEU A 299 10.85 26.94 3.56
CA LEU A 299 9.92 25.87 3.21
C LEU A 299 9.03 26.29 2.06
N PHE A 300 8.64 25.30 1.26
CA PHE A 300 7.85 25.52 0.06
C PHE A 300 6.69 24.58 -0.07
N VAL A 301 5.62 25.09 -0.68
CA VAL A 301 4.47 24.31 -1.08
C VAL A 301 4.62 24.22 -2.60
N PRO A 302 4.76 23.00 -3.14
CA PRO A 302 4.80 22.81 -4.59
C PRO A 302 3.50 23.24 -5.26
N THR A 303 3.52 23.37 -6.59
CA THR A 303 2.33 23.80 -7.32
C THR A 303 1.36 22.65 -7.52
N SER A 304 1.88 21.43 -7.49
CA SER A 304 1.04 20.26 -7.72
C SER A 304 1.41 19.15 -6.79
N ALA A 305 0.42 18.31 -6.48
CA ALA A 305 0.64 17.14 -5.66
C ALA A 305 1.40 16.14 -6.53
N PRO A 306 2.61 15.74 -6.11
CA PRO A 306 3.37 14.79 -6.92
C PRO A 306 2.76 13.39 -6.88
N ARG A 307 2.67 12.76 -8.06
CA ARG A 307 2.10 11.43 -8.20
C ARG A 307 2.58 10.79 -9.50
N TYR A 320 12.81 14.85 0.72
CA TYR A 320 12.18 16.13 0.42
C TYR A 320 12.79 17.32 1.18
N ILE A 321 13.12 17.12 2.46
CA ILE A 321 13.68 18.20 3.27
C ILE A 321 15.15 17.98 3.61
N LYS A 322 15.99 18.91 3.17
CA LYS A 322 17.43 18.83 3.38
C LYS A 322 17.84 19.36 4.75
N LEU A 323 18.59 18.54 5.49
CA LEU A 323 19.08 18.92 6.81
C LEU A 323 20.56 19.27 6.82
N TYR A 324 20.85 20.47 7.30
CA TYR A 324 22.22 20.97 7.45
C TYR A 324 22.51 21.21 8.91
N VAL A 325 23.75 20.94 9.30
CA VAL A 325 24.19 21.22 10.65
C VAL A 325 25.39 22.16 10.55
N ARG A 326 25.21 23.39 11.02
CA ARG A 326 26.27 24.42 10.98
C ARG A 326 26.79 24.63 9.55
N ARG A 327 25.84 24.76 8.61
CA ARG A 327 26.10 24.97 7.17
C ARG A 327 26.68 23.76 6.43
N VAL A 328 26.73 22.61 7.09
CA VAL A 328 27.24 21.38 6.46
C VAL A 328 26.09 20.44 6.13
N PHE A 329 25.98 20.04 4.86
CA PHE A 329 24.95 19.11 4.43
C PHE A 329 25.10 17.76 5.14
N ILE A 330 24.00 17.24 5.64
CA ILE A 330 24.01 15.95 6.32
C ILE A 330 23.20 14.87 5.61
N THR A 331 21.92 15.16 5.37
CA THR A 331 21.03 14.17 4.77
C THR A 331 19.71 14.73 4.26
N ASP A 332 19.10 13.99 3.33
CA ASP A 332 17.76 14.30 2.83
C ASP A 332 16.92 13.02 2.92
N ASP A 333 17.44 12.06 3.68
CA ASP A 333 16.83 10.75 3.89
C ASP A 333 16.09 10.61 5.21
N PHE A 334 15.93 11.72 5.92
CA PHE A 334 15.20 11.71 7.19
C PHE A 334 13.77 11.96 6.77
N HIS A 335 12.91 10.95 6.94
CA HIS A 335 11.51 11.11 6.53
CA HIS A 335 11.49 11.02 6.54
C HIS A 335 10.59 11.55 7.67
N ASP A 336 11.02 11.33 8.89
CA ASP A 336 10.28 11.75 10.07
C ASP A 336 10.47 13.23 10.39
N MET A 337 10.93 14.02 9.41
CA MET A 337 11.13 15.46 9.58
C MET A 337 9.80 16.17 9.66
N MET A 338 8.89 15.79 8.76
CA MET A 338 7.55 16.31 8.70
C MET A 338 6.59 15.15 8.94
N PRO A 339 5.42 15.40 9.56
CA PRO A 339 4.44 14.32 9.74
C PRO A 339 3.91 13.92 8.37
N LYS A 340 3.43 12.68 8.25
CA LYS A 340 2.95 12.17 6.97
C LYS A 340 2.00 13.09 6.19
N TYR A 341 1.14 13.86 6.87
CA TYR A 341 0.20 14.72 6.12
C TYR A 341 0.87 15.91 5.45
N LEU A 342 2.01 16.34 5.97
CA LEU A 342 2.75 17.43 5.35
C LEU A 342 3.96 16.94 4.54
N ASN A 343 3.86 15.72 4.03
CA ASN A 343 4.91 15.08 3.25
C ASN A 343 5.24 15.79 1.93
N PHE A 344 4.32 16.62 1.47
CA PHE A 344 4.50 17.34 0.22
C PHE A 344 5.41 18.57 0.34
N VAL A 345 5.70 18.99 1.56
CA VAL A 345 6.52 20.18 1.79
C VAL A 345 7.98 19.90 1.50
N LYS A 346 8.61 20.82 0.76
CA LYS A 346 10.04 20.73 0.39
C LYS A 346 10.85 21.87 1.02
N GLY A 347 12.15 21.66 1.22
CA GLY A 347 12.95 22.75 1.79
C GLY A 347 14.22 22.41 2.53
N VAL A 348 14.75 23.42 3.23
CA VAL A 348 15.99 23.26 3.99
C VAL A 348 15.90 23.66 5.44
N VAL A 349 16.66 22.97 6.28
CA VAL A 349 16.77 23.29 7.69
C VAL A 349 18.27 23.32 7.96
N ASP A 350 18.74 24.41 8.55
CA ASP A 350 20.16 24.54 8.88
C ASP A 350 20.29 24.81 10.38
N SER A 351 20.63 23.77 11.14
CA SER A 351 20.71 23.87 12.59
C SER A 351 22.11 23.97 13.17
N ASP A 352 22.35 25.03 13.94
CA ASP A 352 23.64 25.22 14.60
C ASP A 352 23.67 24.56 15.99
N ASP A 353 22.56 23.99 16.42
CA ASP A 353 22.46 23.32 17.71
C ASP A 353 22.64 21.79 17.69
N LEU A 354 22.45 21.19 16.53
CA LEU A 354 22.57 19.73 16.39
C LEU A 354 24.04 19.26 16.40
N PRO A 355 24.29 18.02 16.84
CA PRO A 355 25.64 17.46 16.83
C PRO A 355 26.15 17.21 15.40
N LEU A 356 27.25 17.85 15.04
CA LEU A 356 27.84 17.72 13.71
C LEU A 356 28.72 16.47 13.58
N ASN A 357 29.60 16.29 14.53
CA ASN A 357 30.56 15.18 14.53
C ASN A 357 29.99 13.87 15.09
N VAL A 358 28.89 13.42 14.48
CA VAL A 358 28.20 12.21 14.88
C VAL A 358 27.65 11.48 13.65
N SER A 359 27.20 10.25 13.87
CA SER A 359 26.62 9.42 12.80
C SER A 359 25.20 9.84 12.44
N ARG A 360 24.69 9.28 11.34
CA ARG A 360 23.32 9.53 10.89
C ARG A 360 22.25 8.91 11.81
N GLU A 361 22.52 7.70 12.32
CA GLU A 361 21.60 7.00 13.22
C GLU A 361 21.43 7.74 14.56
N THR A 362 22.51 8.34 15.03
CA THR A 362 22.52 9.10 16.28
C THR A 362 21.78 10.43 16.15
N LEU A 363 21.98 11.10 15.02
CA LEU A 363 21.35 12.39 14.78
C LEU A 363 19.84 12.30 14.57
N GLN A 364 19.39 11.22 13.94
CA GLN A 364 17.98 11.03 13.64
C GLN A 364 17.13 10.88 14.89
N GLN A 365 17.67 10.18 15.88
CA GLN A 365 16.96 9.92 17.11
C GLN A 365 17.29 10.97 18.18
N HIS A 366 17.88 12.09 17.77
CA HIS A 366 18.26 13.15 18.70
C HIS A 366 17.03 13.91 19.17
N LYS A 367 17.00 14.23 20.47
CA LYS A 367 15.89 14.94 21.11
C LYS A 367 15.60 16.31 20.51
N LEU A 368 16.63 17.01 20.02
CA LEU A 368 16.45 18.33 19.44
C LEU A 368 15.68 18.32 18.13
N LEU A 369 15.71 17.18 17.42
CA LEU A 369 14.98 17.03 16.16
C LEU A 369 13.46 17.10 16.31
N LYS A 370 12.94 16.57 17.41
CA LYS A 370 11.51 16.60 17.70
C LYS A 370 11.06 18.04 17.99
N VAL A 371 11.96 18.83 18.54
CA VAL A 371 11.71 20.23 18.82
C VAL A 371 11.66 20.98 17.49
N ILE A 372 12.64 20.69 16.61
CA ILE A 372 12.73 21.31 15.30
C ILE A 372 11.50 20.98 14.47
N ARG A 373 11.09 19.70 14.52
CA ARG A 373 9.89 19.24 13.82
C ARG A 373 8.63 20.03 14.19
N LYS A 374 8.32 20.13 15.48
CA LYS A 374 7.17 20.89 15.94
C LYS A 374 7.16 22.31 15.39
N LYS A 375 8.33 22.92 15.26
CA LYS A 375 8.46 24.28 14.73
C LYS A 375 8.23 24.32 13.23
N LEU A 376 8.65 23.27 12.52
CA LEU A 376 8.47 23.21 11.07
C LEU A 376 7.02 23.10 10.69
N VAL A 377 6.26 22.31 11.47
CA VAL A 377 4.83 22.13 11.24
C VAL A 377 4.08 23.45 11.44
N ARG A 378 4.35 24.14 12.55
CA ARG A 378 3.70 25.42 12.86
C ARG A 378 3.99 26.48 11.80
N LYS A 379 5.24 26.55 11.35
CA LYS A 379 5.60 27.50 10.30
C LYS A 379 5.04 27.13 8.93
N THR A 380 4.83 25.83 8.69
CA THR A 380 4.19 25.36 7.44
C THR A 380 2.72 25.82 7.42
N LEU A 381 2.05 25.66 8.56
CA LEU A 381 0.67 26.06 8.72
C LEU A 381 0.54 27.59 8.66
N ASP A 382 1.52 28.31 9.18
CA ASP A 382 1.55 29.78 9.07
C ASP A 382 1.56 30.14 7.57
N MET A 383 2.46 29.48 6.84
CA MET A 383 2.61 29.67 5.40
C MET A 383 1.32 29.35 4.63
N ILE A 384 0.72 28.18 4.90
CA ILE A 384 -0.52 27.77 4.24
C ILE A 384 -1.64 28.77 4.53
N LYS A 385 -1.72 29.24 5.77
CA LYS A 385 -2.69 30.25 6.19
C LYS A 385 -2.52 31.59 5.45
N LYS A 386 -1.28 31.94 5.13
CA LYS A 386 -0.96 33.22 4.45
C LYS A 386 -1.36 33.28 2.98
N ILE A 387 -1.65 32.12 2.38
CA ILE A 387 -2.05 32.08 0.99
C ILE A 387 -3.34 32.88 0.81
N ALA A 388 -3.37 33.72 -0.24
CA ALA A 388 -4.52 34.56 -0.55
C ALA A 388 -5.78 33.72 -0.68
N ASP A 389 -6.88 34.30 -0.18
CA ASP A 389 -8.20 33.64 -0.15
C ASP A 389 -8.64 32.87 -1.41
N GLU A 390 -8.68 33.54 -2.57
CA GLU A 390 -9.05 32.86 -3.81
C GLU A 390 -8.09 31.73 -4.20
N LYS A 391 -6.79 32.04 -4.16
CA LYS A 391 -5.74 31.08 -4.51
C LYS A 391 -5.78 29.84 -3.63
N TYR A 392 -6.12 30.02 -2.37
CA TYR A 392 -6.21 28.91 -1.44
C TYR A 392 -7.27 27.91 -1.88
N ASN A 393 -8.46 28.42 -2.19
CA ASN A 393 -9.59 27.59 -2.62
C ASN A 393 -9.40 27.00 -4.01
N ASP A 394 -9.04 27.86 -4.96
CA ASP A 394 -8.85 27.45 -6.34
C ASP A 394 -7.59 26.60 -6.59
N THR A 395 -6.52 26.84 -5.84
CA THR A 395 -5.27 26.11 -6.11
C THR A 395 -4.77 25.20 -4.96
N PHE A 396 -4.59 25.75 -3.76
CA PHE A 396 -4.11 24.92 -2.65
C PHE A 396 -5.08 23.81 -2.29
N TRP A 397 -6.35 24.15 -2.05
CA TRP A 397 -7.34 23.17 -1.63
C TRP A 397 -7.51 21.99 -2.61
N LYS A 398 -7.47 22.30 -3.89
CA LYS A 398 -7.61 21.30 -4.93
C LYS A 398 -6.49 20.24 -4.91
N GLU A 399 -5.26 20.66 -4.60
CA GLU A 399 -4.13 19.74 -4.57
C GLU A 399 -3.92 19.08 -3.21
N PHE A 400 -4.02 19.88 -2.15
CA PHE A 400 -3.66 19.40 -0.83
C PHE A 400 -4.76 19.44 0.23
N GLY A 401 -6.01 19.42 -0.20
CA GLY A 401 -7.12 19.44 0.72
C GLY A 401 -7.16 18.17 1.54
N THR A 402 -6.90 17.03 0.90
CA THR A 402 -6.91 15.73 1.58
C THR A 402 -5.84 15.71 2.69
N ASN A 403 -4.68 16.29 2.41
CA ASN A 403 -3.63 16.36 3.41
C ASN A 403 -4.08 17.11 4.64
N ILE A 404 -4.78 18.23 4.45
CA ILE A 404 -5.34 18.98 5.59
C ILE A 404 -6.35 18.11 6.35
N LYS A 405 -7.17 17.38 5.61
CA LYS A 405 -8.16 16.49 6.23
C LYS A 405 -7.49 15.39 7.08
N LEU A 406 -6.39 14.83 6.58
CA LEU A 406 -5.61 13.83 7.33
C LEU A 406 -4.92 14.50 8.52
N GLY A 407 -4.56 15.77 8.34
CA GLY A 407 -3.99 16.58 9.40
C GLY A 407 -4.91 16.75 10.60
N VAL A 408 -6.19 16.99 10.35
CA VAL A 408 -7.17 17.14 11.42
C VAL A 408 -7.19 15.86 12.25
N ILE A 409 -7.14 14.72 11.58
CA ILE A 409 -7.14 13.40 12.24
C ILE A 409 -5.86 13.09 13.04
N GLU A 410 -4.70 13.32 12.42
CA GLU A 410 -3.39 13.04 13.05
C GLU A 410 -2.95 14.04 14.10
N ASP A 411 -2.86 15.31 13.70
CA ASP A 411 -2.28 16.37 14.50
C ASP A 411 -3.19 16.95 15.56
N HIS A 412 -3.24 16.30 16.72
CA HIS A 412 -4.07 16.75 17.83
C HIS A 412 -3.68 18.14 18.35
N SER A 413 -2.39 18.45 18.40
CA SER A 413 -1.97 19.78 18.91
C SER A 413 -2.22 20.93 17.92
N ASN A 414 -2.37 20.62 16.64
CA ASN A 414 -2.67 21.66 15.64
C ASN A 414 -4.09 21.54 15.06
N ARG A 415 -4.94 20.75 15.69
CA ARG A 415 -6.30 20.52 15.21
C ARG A 415 -7.12 21.79 14.92
N THR A 416 -7.13 22.72 15.88
CA THR A 416 -7.85 23.98 15.74
C THR A 416 -7.35 24.80 14.55
N ARG A 417 -6.03 24.87 14.36
CA ARG A 417 -5.46 25.62 13.23
CA ARG A 417 -5.44 25.61 13.23
C ARG A 417 -5.86 24.96 11.91
N LEU A 418 -5.89 23.63 11.91
CA LEU A 418 -6.24 22.84 10.73
C LEU A 418 -7.72 22.90 10.38
N ALA A 419 -8.59 22.90 11.39
CA ALA A 419 -10.03 22.99 11.20
C ALA A 419 -10.42 24.29 10.51
N LYS A 420 -9.65 25.35 10.74
CA LYS A 420 -9.88 26.64 10.11
C LYS A 420 -9.44 26.65 8.64
N LEU A 421 -8.57 25.71 8.28
CA LEU A 421 -8.08 25.55 6.89
C LEU A 421 -8.98 24.65 6.01
N LEU A 422 -9.84 23.86 6.64
CA LEU A 422 -10.77 22.98 5.93
C LEU A 422 -11.72 23.74 5.00
N ARG A 423 -12.08 23.11 3.87
CA ARG A 423 -13.04 23.69 2.95
C ARG A 423 -13.96 22.58 2.49
N PHE A 424 -15.24 22.88 2.34
CA PHE A 424 -16.18 21.87 1.86
C PHE A 424 -17.23 22.48 0.97
N GLN A 425 -17.87 21.61 0.21
CA GLN A 425 -19.03 21.97 -0.57
C GLN A 425 -20.20 22.08 0.40
N SER A 426 -21.17 22.92 0.06
CA SER A 426 -22.38 23.06 0.87
C SER A 426 -23.54 23.51 -0.02
N SER A 427 -24.75 23.46 0.51
CA SER A 427 -25.97 23.86 -0.24
C SER A 427 -26.00 25.36 -0.54
N HIS A 428 -25.12 26.10 0.10
CA HIS A 428 -25.10 27.55 -0.10
C HIS A 428 -24.81 27.92 -1.55
N HIS A 429 -24.05 27.08 -2.26
CA HIS A 429 -23.69 27.32 -3.67
C HIS A 429 -23.54 25.98 -4.42
N PRO A 430 -23.86 25.94 -5.74
CA PRO A 430 -23.72 24.70 -6.51
C PRO A 430 -22.31 24.11 -6.60
N SER A 431 -21.27 24.96 -6.54
CA SER A 431 -19.88 24.46 -6.68
C SER A 431 -18.83 25.05 -5.74
N ASP A 432 -18.97 26.33 -5.41
CA ASP A 432 -18.03 27.04 -4.52
C ASP A 432 -17.86 26.30 -3.19
N ILE A 433 -16.63 26.24 -2.67
CA ILE A 433 -16.39 25.58 -1.39
C ILE A 433 -16.41 26.63 -0.27
N THR A 434 -16.65 26.18 0.95
CA THR A 434 -16.77 27.11 2.04
C THR A 434 -15.89 26.72 3.23
N SER A 435 -15.47 27.70 4.01
CA SER A 435 -14.73 27.40 5.22
C SER A 435 -15.76 27.15 6.31
N LEU A 436 -15.30 26.71 7.47
CA LEU A 436 -16.21 26.49 8.59
C LEU A 436 -16.60 27.82 9.27
N ASP A 437 -15.68 28.77 9.28
CA ASP A 437 -15.99 30.11 9.80
C ASP A 437 -17.12 30.79 9.00
N GLN A 438 -17.14 30.55 7.69
CA GLN A 438 -18.15 31.14 6.80
C GLN A 438 -19.51 30.47 6.97
N TYR A 439 -19.49 29.17 7.24
CA TYR A 439 -20.69 28.42 7.51
C TYR A 439 -21.31 29.00 8.77
N VAL A 440 -20.48 29.18 9.81
CA VAL A 440 -20.90 29.70 11.11
C VAL A 440 -21.57 31.06 11.00
N GLU A 441 -20.93 31.99 10.30
CA GLU A 441 -21.47 33.34 10.10
C GLU A 441 -22.87 33.31 9.44
N ARG A 442 -23.12 32.30 8.59
CA ARG A 442 -24.42 32.15 7.92
C ARG A 442 -25.51 31.45 8.78
N MET A 443 -25.11 30.90 9.93
CA MET A 443 -26.05 30.21 10.81
C MET A 443 -27.15 31.08 11.40
N LYS A 444 -28.27 30.44 11.73
CA LYS A 444 -29.41 31.10 12.34
C LYS A 444 -29.09 31.40 13.80
N GLU A 445 -29.79 32.36 14.39
CA GLU A 445 -29.49 32.76 15.77
C GLU A 445 -29.55 31.60 16.77
N LYS A 446 -30.54 30.73 16.66
CA LYS A 446 -30.66 29.63 17.61
C LYS A 446 -30.20 28.25 17.13
N GLN A 447 -29.53 28.22 15.98
CA GLN A 447 -28.97 26.99 15.43
C GLN A 447 -27.61 26.77 16.10
N ASP A 448 -27.41 25.59 16.69
CA ASP A 448 -26.12 25.31 17.33
C ASP A 448 -25.43 24.04 16.84
N LYS A 449 -25.97 23.50 15.75
CA LYS A 449 -25.41 22.32 15.10
C LYS A 449 -24.97 22.68 13.69
N ILE A 450 -23.82 22.18 13.27
CA ILE A 450 -23.31 22.33 11.92
C ILE A 450 -23.74 21.05 11.22
N TYR A 451 -24.72 21.18 10.32
CA TYR A 451 -25.29 20.04 9.61
C TYR A 451 -24.50 19.57 8.41
N PHE A 452 -24.40 18.25 8.26
CA PHE A 452 -23.74 17.68 7.09
C PHE A 452 -24.47 16.46 6.52
N MET A 453 -24.30 16.25 5.21
CA MET A 453 -24.84 15.07 4.54
C MET A 453 -23.64 14.45 3.86
N ALA A 454 -23.38 13.20 4.18
CA ALA A 454 -22.26 12.49 3.62
C ALA A 454 -22.75 11.55 2.53
N GLY A 455 -22.14 11.66 1.36
CA GLY A 455 -22.48 10.82 0.24
C GLY A 455 -21.26 10.45 -0.57
N SER A 456 -21.49 9.76 -1.69
CA SER A 456 -20.45 9.33 -2.57
C SER A 456 -20.24 10.30 -3.71
N SER A 457 -21.11 11.30 -3.82
CA SER A 457 -21.02 12.35 -4.84
C SER A 457 -21.86 13.52 -4.37
N ARG A 458 -21.68 14.71 -4.95
CA ARG A 458 -22.47 15.86 -4.51
C ARG A 458 -23.96 15.62 -4.78
N LYS A 459 -24.24 15.21 -6.01
CA LYS A 459 -25.57 14.93 -6.51
C LYS A 459 -26.36 13.99 -5.60
N GLU A 460 -25.73 12.92 -5.15
CA GLU A 460 -26.35 11.96 -4.23
C GLU A 460 -26.71 12.63 -2.90
N ALA A 461 -25.73 13.31 -2.31
CA ALA A 461 -25.91 14.02 -1.06
C ALA A 461 -26.97 15.12 -1.13
N GLU A 462 -27.01 15.88 -2.22
CA GLU A 462 -27.96 16.99 -2.29
C GLU A 462 -29.40 16.56 -2.65
N SER A 463 -29.56 15.44 -3.33
CA SER A 463 -30.92 15.00 -3.70
C SER A 463 -31.44 14.02 -2.67
N SER A 464 -30.78 13.97 -1.53
CA SER A 464 -31.11 13.06 -0.45
C SER A 464 -32.38 13.49 0.27
N PRO A 465 -33.16 12.51 0.78
CA PRO A 465 -34.34 12.85 1.54
C PRO A 465 -34.05 13.61 2.85
N PHE A 466 -32.88 13.43 3.42
CA PHE A 466 -32.57 14.03 4.74
C PHE A 466 -32.35 15.54 4.81
N VAL A 467 -32.12 16.18 3.67
CA VAL A 467 -31.87 17.62 3.64
C VAL A 467 -33.10 18.46 3.25
N GLU A 468 -34.18 17.77 2.89
CA GLU A 468 -35.40 18.41 2.40
C GLU A 468 -35.95 19.59 3.22
N ARG A 469 -36.32 19.32 4.47
CA ARG A 469 -36.81 20.37 5.37
C ARG A 469 -35.77 21.36 5.79
N LEU A 470 -34.60 20.88 6.22
CA LEU A 470 -33.51 21.78 6.57
C LEU A 470 -33.34 22.84 5.47
N LEU A 471 -33.14 22.40 4.23
CA LEU A 471 -32.95 23.34 3.12
C LEU A 471 -34.13 24.28 2.96
N LYS A 472 -35.35 23.74 2.97
CA LYS A 472 -36.55 24.54 2.84
C LYS A 472 -36.60 25.65 3.86
N LYS A 473 -36.34 25.31 5.12
CA LYS A 473 -36.33 26.28 6.23
C LYS A 473 -35.06 27.14 6.33
N GLY A 474 -34.13 26.94 5.38
CA GLY A 474 -32.92 27.77 5.30
C GLY A 474 -31.69 27.38 6.09
N TYR A 475 -31.58 26.12 6.46
CA TYR A 475 -30.39 25.66 7.14
C TYR A 475 -29.45 25.21 6.03
N GLU A 476 -28.19 25.60 6.14
CA GLU A 476 -27.17 25.24 5.18
C GLU A 476 -26.66 23.85 5.55
N VAL A 477 -26.42 22.99 4.56
CA VAL A 477 -25.92 21.64 4.83
C VAL A 477 -24.61 21.43 4.09
N ILE A 478 -23.57 21.06 4.83
CA ILE A 478 -22.28 20.74 4.22
C ILE A 478 -22.40 19.38 3.56
N TYR A 479 -21.83 19.24 2.38
CA TYR A 479 -21.88 17.96 1.66
C TYR A 479 -20.48 17.33 1.63
N LEU A 480 -20.38 16.11 2.16
CA LEU A 480 -19.11 15.37 2.23
C LEU A 480 -19.09 14.30 1.13
N THR A 481 -18.20 14.46 0.16
CA THR A 481 -18.17 13.58 -1.00
C THR A 481 -16.92 12.67 -1.16
N GLU A 482 -15.97 12.79 -0.23
CA GLU A 482 -14.77 11.95 -0.22
C GLU A 482 -14.82 11.10 1.05
N PRO A 483 -14.32 9.85 1.00
CA PRO A 483 -14.39 8.95 2.17
C PRO A 483 -13.66 9.41 3.45
N VAL A 484 -12.64 10.25 3.29
CA VAL A 484 -11.86 10.76 4.41
C VAL A 484 -12.65 11.78 5.22
N ASP A 485 -13.57 12.48 4.54
CA ASP A 485 -14.42 13.52 5.14
C ASP A 485 -15.12 13.12 6.43
N GLU A 486 -15.65 11.92 6.47
CA GLU A 486 -16.41 11.50 7.63
C GLU A 486 -15.54 11.16 8.83
N TYR A 487 -14.34 10.67 8.56
CA TYR A 487 -13.38 10.40 9.64
C TYR A 487 -12.82 11.73 10.12
N CYS A 488 -12.68 12.69 9.19
CA CYS A 488 -12.21 14.04 9.48
C CYS A 488 -13.17 14.78 10.41
N ILE A 489 -14.46 14.69 10.13
CA ILE A 489 -15.49 15.32 10.96
C ILE A 489 -15.58 14.57 12.31
N GLN A 490 -15.51 13.25 12.23
CA GLN A 490 -15.58 12.35 13.38
C GLN A 490 -14.41 12.57 14.33
N ALA A 491 -13.36 13.25 13.86
CA ALA A 491 -12.18 13.54 14.69
C ALA A 491 -12.22 14.96 15.25
N LEU A 492 -13.30 15.68 14.95
CA LEU A 492 -13.45 17.07 15.33
C LEU A 492 -14.73 17.29 16.14
N PRO A 493 -14.65 17.12 17.48
CA PRO A 493 -15.77 17.23 18.41
C PRO A 493 -16.62 18.51 18.30
N GLU A 494 -15.96 19.65 18.06
CA GLU A 494 -16.65 20.92 17.95
C GLU A 494 -15.86 21.89 17.09
N PHE A 495 -16.55 22.89 16.56
CA PHE A 495 -15.89 23.98 15.86
C PHE A 495 -16.53 25.27 16.33
N ASP A 496 -15.71 26.13 16.95
CA ASP A 496 -16.17 27.41 17.46
C ASP A 496 -17.48 27.29 18.25
N GLY A 497 -17.49 26.37 19.21
CA GLY A 497 -18.66 26.14 20.07
C GLY A 497 -19.82 25.34 19.50
N LYS A 498 -19.75 25.02 18.19
CA LYS A 498 -20.80 24.29 17.50
C LYS A 498 -20.44 22.82 17.27
N ARG A 499 -21.40 21.94 17.48
CA ARG A 499 -21.22 20.50 17.26
C ARG A 499 -21.77 20.16 15.89
N PHE A 500 -21.21 19.12 15.26
CA PHE A 500 -21.65 18.67 13.95
C PHE A 500 -22.77 17.64 14.08
N GLN A 501 -23.72 17.69 13.15
CA GLN A 501 -24.82 16.73 13.12
C GLN A 501 -24.99 16.15 11.71
N ASN A 502 -24.99 14.81 11.63
CA ASN A 502 -25.25 14.12 10.37
C ASN A 502 -26.75 14.10 10.18
N VAL A 503 -27.22 14.69 9.08
CA VAL A 503 -28.65 14.78 8.76
C VAL A 503 -29.30 13.40 8.54
N ALA A 504 -28.47 12.40 8.22
CA ALA A 504 -28.94 11.04 8.02
C ALA A 504 -29.11 10.31 9.33
N LYS A 505 -28.92 11.04 10.44
CA LYS A 505 -29.00 10.47 11.80
C LYS A 505 -29.88 11.21 12.78
N GLU A 506 -30.22 10.53 13.86
CA GLU A 506 -31.01 11.12 14.92
C GLU A 506 -30.31 12.31 15.55
N GLY A 507 -31.08 13.34 15.86
CA GLY A 507 -30.55 14.56 16.47
C GLY A 507 -30.80 15.83 15.67
N VAL A 508 -31.65 15.76 14.66
CA VAL A 508 -31.96 16.94 13.87
C VAL A 508 -33.13 17.68 14.50
N LYS A 509 -32.91 18.96 14.80
CA LYS A 509 -33.88 19.81 15.49
C LYS A 509 -34.27 21.07 14.73
N PHE A 510 -35.54 21.44 14.85
CA PHE A 510 -36.09 22.65 14.24
C PHE A 510 -36.69 23.48 15.38
N ASP A 511 -36.47 24.79 15.37
CA ASP A 511 -37.09 25.61 16.40
C ASP A 511 -38.57 25.57 16.06
N GLU A 512 -39.41 25.43 17.08
CA GLU A 512 -40.81 25.21 16.81
C GLU A 512 -41.72 26.14 17.60
N SER A 513 -42.52 26.91 16.88
CA SER A 513 -43.50 27.81 17.49
C SER A 513 -44.56 26.94 18.15
N GLU A 514 -45.24 27.51 19.15
CA GLU A 514 -46.29 26.78 19.86
C GLU A 514 -47.41 26.30 18.93
N LYS A 515 -47.66 27.06 17.86
CA LYS A 515 -48.68 26.69 16.87
C LYS A 515 -48.24 25.45 16.09
N THR A 516 -46.98 25.44 15.64
CA THR A 516 -46.40 24.33 14.88
C THR A 516 -46.29 23.06 15.73
N LYS A 517 -45.76 23.24 16.94
CA LYS A 517 -45.56 22.17 17.91
C LYS A 517 -46.85 21.39 18.21
N GLU A 518 -47.94 22.12 18.43
CA GLU A 518 -49.24 21.52 18.73
C GLU A 518 -49.87 20.89 17.50
N SER A 519 -49.64 21.50 16.34
CA SER A 519 -50.17 20.97 15.09
C SER A 519 -49.48 19.65 14.75
N ARG A 520 -48.26 19.48 15.26
CA ARG A 520 -47.48 18.26 15.06
C ARG A 520 -48.02 17.12 15.93
N GLU A 521 -48.21 17.38 17.21
CA GLU A 521 -48.72 16.38 18.15
C GLU A 521 -50.05 15.77 17.73
N ALA A 522 -50.86 16.55 17.01
CA ALA A 522 -52.15 16.09 16.50
C ALA A 522 -51.94 15.09 15.36
N ILE A 523 -50.92 15.35 14.54
CA ILE A 523 -50.55 14.52 13.41
C ILE A 523 -50.02 13.16 13.88
N GLU A 524 -49.14 13.17 14.87
CA GLU A 524 -48.55 11.96 15.42
C GLU A 524 -49.59 10.97 15.93
N LYS A 525 -50.67 11.49 16.52
CA LYS A 525 -51.77 10.68 17.04
C LYS A 525 -52.70 10.23 15.92
N GLU A 526 -52.86 11.07 14.90
CA GLU A 526 -53.67 10.73 13.75
C GLU A 526 -53.05 9.59 12.95
N PHE A 527 -51.73 9.60 12.85
CA PHE A 527 -50.99 8.58 12.11
C PHE A 527 -50.55 7.38 12.93
N GLU A 528 -50.89 7.36 14.21
CA GLU A 528 -50.52 6.24 15.10
C GLU A 528 -51.00 4.86 14.58
N PRO A 529 -52.23 4.76 14.04
CA PRO A 529 -52.60 3.45 13.48
C PRO A 529 -51.76 3.02 12.27
N LEU A 530 -51.05 3.95 11.62
CA LEU A 530 -50.19 3.57 10.51
C LEU A 530 -48.80 3.19 11.03
N LEU A 531 -48.32 3.92 12.04
CA LEU A 531 -47.03 3.66 12.66
C LEU A 531 -47.03 2.31 13.36
N ASN A 532 -48.12 2.01 14.08
CA ASN A 532 -48.26 0.74 14.77
C ASN A 532 -48.39 -0.43 13.79
N TRP A 533 -49.11 -0.23 12.68
CA TRP A 533 -49.26 -1.25 11.64
C TRP A 533 -47.93 -1.59 10.96
N MET A 534 -47.15 -0.56 10.62
CA MET A 534 -45.86 -0.75 9.97
C MET A 534 -44.88 -1.48 10.88
N LYS A 535 -44.85 -1.08 12.14
CA LYS A 535 -43.93 -1.68 13.11
C LYS A 535 -44.34 -3.09 13.53
N ASP A 536 -45.64 -3.29 13.75
CA ASP A 536 -46.13 -4.57 14.25
C ASP A 536 -46.42 -5.68 13.22
N LYS A 537 -46.69 -5.32 11.96
CA LYS A 537 -46.94 -6.37 10.94
C LYS A 537 -46.34 -6.18 9.54
N ALA A 538 -46.79 -5.15 8.82
CA ALA A 538 -46.32 -4.88 7.45
C ALA A 538 -44.81 -4.92 7.29
N LEU A 539 -44.10 -4.20 8.17
CA LEU A 539 -42.65 -4.14 8.13
C LEU A 539 -42.03 -4.68 9.42
N LYS A 540 -42.67 -5.68 10.03
CA LYS A 540 -42.15 -6.26 11.26
C LYS A 540 -40.79 -6.89 11.00
N ASP A 541 -39.89 -6.75 11.98
CA ASP A 541 -38.52 -7.27 11.91
C ASP A 541 -37.75 -6.69 10.71
N LYS A 542 -37.91 -5.39 10.51
CA LYS A 542 -37.24 -4.66 9.42
C LYS A 542 -36.78 -3.30 9.91
N ILE A 543 -37.60 -2.70 10.77
CA ILE A 543 -37.35 -1.35 11.30
C ILE A 543 -37.32 -1.31 12.84
N GLU A 544 -36.60 -0.31 13.37
CA GLU A 544 -36.49 -0.11 14.82
C GLU A 544 -37.82 0.42 15.35
N LYS A 545 -38.40 1.36 14.62
CA LYS A 545 -39.70 1.97 14.95
C LYS A 545 -40.12 2.83 13.76
N ALA A 546 -41.40 3.13 13.68
CA ALA A 546 -41.93 3.98 12.63
C ALA A 546 -42.48 5.25 13.24
N VAL A 547 -41.97 6.40 12.83
CA VAL A 547 -42.42 7.68 13.36
C VAL A 547 -42.76 8.69 12.26
N VAL A 548 -43.43 9.77 12.66
CA VAL A 548 -43.75 10.85 11.76
C VAL A 548 -42.50 11.73 11.66
N SER A 549 -42.04 11.99 10.44
CA SER A 549 -40.82 12.76 10.26
C SER A 549 -41.02 14.26 10.30
N GLN A 550 -39.92 14.97 10.53
CA GLN A 550 -39.92 16.43 10.52
C GLN A 550 -38.86 16.95 9.55
N ARG A 551 -38.21 16.04 8.83
CA ARG A 551 -37.11 16.42 7.93
C ARG A 551 -37.44 16.27 6.45
N LEU A 552 -38.64 15.75 6.15
CA LEU A 552 -39.04 15.49 4.76
C LEU A 552 -39.95 16.56 4.17
N THR A 553 -39.82 16.74 2.86
CA THR A 553 -40.60 17.69 2.06
C THR A 553 -41.33 16.91 0.97
N GLU A 554 -40.59 16.49 -0.06
CA GLU A 554 -41.14 15.77 -1.19
C GLU A 554 -41.23 14.27 -1.00
N SER A 555 -40.30 13.73 -0.20
CA SER A 555 -40.16 12.30 -0.02
C SER A 555 -41.17 11.67 0.92
N PRO A 556 -41.71 10.52 0.53
CA PRO A 556 -42.71 9.84 1.35
C PRO A 556 -42.14 9.33 2.67
N CYS A 557 -40.90 8.85 2.63
CA CYS A 557 -40.27 8.27 3.79
C CYS A 557 -38.74 8.17 3.66
N ALA A 558 -38.09 7.80 4.76
CA ALA A 558 -36.64 7.64 4.80
C ALA A 558 -36.22 6.78 5.97
N LEU A 559 -35.00 6.25 5.91
CA LEU A 559 -34.42 5.43 6.97
C LEU A 559 -33.34 6.20 7.72
N VAL A 560 -33.57 6.41 9.02
CA VAL A 560 -32.65 7.17 9.87
C VAL A 560 -31.88 6.26 10.84
N ALA A 561 -30.55 6.40 10.85
CA ALA A 561 -29.70 5.61 11.75
C ALA A 561 -29.68 6.22 13.16
N SER A 562 -29.36 5.40 14.15
CA SER A 562 -29.29 5.85 15.54
C SER A 562 -28.12 6.80 15.68
N GLN A 563 -28.14 7.62 16.73
CA GLN A 563 -27.11 8.63 16.95
C GLN A 563 -25.66 8.12 16.90
N TYR A 564 -25.39 6.94 17.46
CA TYR A 564 -24.02 6.40 17.42
C TYR A 564 -23.88 5.24 16.41
N GLY A 565 -24.95 4.96 15.66
CA GLY A 565 -24.96 3.87 14.67
C GLY A 565 -24.31 4.25 13.34
N TRP A 566 -24.34 3.33 12.38
CA TRP A 566 -23.74 3.57 11.05
C TRP A 566 -24.76 4.09 10.05
N SER A 567 -24.36 5.12 9.31
CA SER A 567 -25.19 5.67 8.26
C SER A 567 -25.02 4.88 6.98
N GLY A 568 -25.70 5.32 5.93
CA GLY A 568 -25.62 4.66 4.62
C GLY A 568 -24.24 4.77 4.01
N ASN A 569 -23.62 5.94 4.17
CA ASN A 569 -22.30 6.20 3.64
C ASN A 569 -21.23 5.43 4.39
N MET A 570 -21.43 5.26 5.70
CA MET A 570 -20.50 4.48 6.50
C MET A 570 -20.60 3.01 6.19
N GLU A 571 -21.83 2.52 6.03
CA GLU A 571 -22.05 1.13 5.65
C GLU A 571 -21.31 0.88 4.34
N ARG A 572 -21.45 1.80 3.39
CA ARG A 572 -20.81 1.67 2.08
C ARG A 572 -19.28 1.64 2.15
N ILE A 573 -18.71 2.65 2.79
CA ILE A 573 -17.27 2.78 3.02
C ILE A 573 -16.68 1.54 3.71
N MET A 574 -17.39 1.04 4.72
CA MET A 574 -16.97 -0.15 5.46
C MET A 574 -17.04 -1.43 4.63
N LYS A 575 -18.11 -1.58 3.84
CA LYS A 575 -18.30 -2.77 3.00
C LYS A 575 -17.24 -2.86 1.90
N ALA A 576 -16.79 -1.71 1.39
CA ALA A 576 -15.74 -1.65 0.36
C ALA A 576 -14.41 -2.06 0.98
N GLN A 577 -14.17 -1.57 2.19
CA GLN A 577 -12.97 -1.86 2.98
C GLN A 577 -12.96 -3.34 3.41
N ALA A 578 -14.13 -3.88 3.74
CA ALA A 578 -14.26 -5.28 4.17
C ALA A 578 -14.18 -6.27 3.01
N TYR A 579 -14.27 -5.75 1.79
CA TYR A 579 -14.19 -6.58 0.59
C TYR A 579 -12.75 -6.60 0.03
N GLN A 580 -12.15 -5.42 -0.06
CA GLN A 580 -10.79 -5.28 -0.58
C GLN A 580 -9.73 -5.76 0.41
N THR A 581 -10.06 -5.81 1.71
CA THR A 581 -9.12 -6.24 2.74
C THR A 581 -9.70 -7.14 3.84
N GLY A 582 -10.82 -6.72 4.41
CA GLY A 582 -11.49 -7.43 5.51
C GLY A 582 -11.91 -8.87 5.28
N LYS A 583 -12.32 -9.52 6.35
CA LYS A 583 -12.74 -10.93 6.30
C LYS A 583 -14.25 -11.14 6.56
N ASP A 584 -15.07 -10.45 5.76
CA ASP A 584 -16.54 -10.54 5.81
C ASP A 584 -17.17 -10.19 7.17
N ILE A 585 -17.25 -8.89 7.46
CA ILE A 585 -17.85 -8.40 8.69
C ILE A 585 -19.35 -8.20 8.50
N SER A 586 -20.07 -9.31 8.34
CA SER A 586 -21.52 -9.31 8.13
C SER A 586 -22.28 -9.21 9.45
N THR A 587 -21.97 -10.10 10.37
CA THR A 587 -22.60 -10.11 11.69
C THR A 587 -21.75 -9.30 12.68
N ASN A 588 -21.64 -7.99 12.42
CA ASN A 588 -20.87 -7.08 13.27
C ASN A 588 -21.63 -6.70 14.54
N TYR A 589 -22.06 -5.44 14.61
CA TYR A 589 -22.83 -4.92 15.73
C TYR A 589 -23.78 -3.86 15.19
N TYR A 590 -23.21 -2.73 14.76
CA TYR A 590 -24.01 -1.68 14.14
C TYR A 590 -23.76 -1.56 12.64
N ALA A 591 -23.97 -2.68 11.95
CA ALA A 591 -23.85 -2.81 10.50
C ALA A 591 -25.11 -3.53 10.01
N SER A 592 -25.47 -4.59 10.71
CA SER A 592 -26.65 -5.38 10.38
C SER A 592 -27.83 -5.01 11.27
N GLN A 593 -27.94 -3.73 11.61
CA GLN A 593 -29.03 -3.29 12.49
C GLN A 593 -30.10 -2.50 11.76
N LYS A 594 -31.32 -2.61 12.29
CA LYS A 594 -32.49 -1.94 11.76
C LYS A 594 -32.43 -0.44 12.01
N LYS A 595 -33.09 0.33 11.15
CA LYS A 595 -33.15 1.77 11.28
C LYS A 595 -34.53 2.26 11.68
N THR A 596 -34.62 3.56 11.95
CA THR A 596 -35.88 4.20 12.28
C THR A 596 -36.50 4.65 10.96
N PHE A 597 -37.68 4.12 10.67
CA PHE A 597 -38.40 4.43 9.44
C PHE A 597 -39.30 5.64 9.66
N GLU A 598 -38.92 6.78 9.07
CA GLU A 598 -39.66 8.03 9.22
C GLU A 598 -40.55 8.33 8.03
N ILE A 599 -41.82 8.64 8.28
CA ILE A 599 -42.78 8.91 7.21
C ILE A 599 -43.27 10.37 7.12
N ASN A 600 -43.60 10.82 5.91
CA ASN A 600 -44.09 12.17 5.65
C ASN A 600 -45.60 12.15 5.74
N PRO A 601 -46.17 12.82 6.75
CA PRO A 601 -47.62 12.82 6.94
C PRO A 601 -48.37 13.64 5.89
N ARG A 602 -47.65 14.48 5.15
CA ARG A 602 -48.24 15.34 4.14
C ARG A 602 -48.12 14.75 2.74
N HIS A 603 -47.39 13.65 2.60
CA HIS A 603 -47.22 13.03 1.29
C HIS A 603 -48.48 12.24 0.97
N PRO A 604 -49.07 12.49 -0.22
CA PRO A 604 -50.32 11.88 -0.69
C PRO A 604 -50.41 10.37 -0.50
N LEU A 605 -49.32 9.67 -0.77
CA LEU A 605 -49.28 8.22 -0.68
C LEU A 605 -49.35 7.71 0.76
N ILE A 606 -48.70 8.42 1.69
CA ILE A 606 -48.77 8.06 3.11
C ILE A 606 -50.16 8.39 3.66
N LYS A 607 -50.73 9.49 3.16
CA LYS A 607 -52.10 9.87 3.55
C LYS A 607 -53.09 8.77 3.14
N ASP A 608 -52.96 8.28 1.91
CA ASP A 608 -53.80 7.20 1.39
C ASP A 608 -53.56 5.91 2.16
N MET A 609 -52.31 5.71 2.56
CA MET A 609 -51.89 4.52 3.27
C MET A 609 -52.46 4.46 4.67
N LEU A 610 -52.66 5.63 5.29
CA LEU A 610 -53.28 5.70 6.61
C LEU A 610 -54.75 5.32 6.51
N ARG A 611 -55.39 5.80 5.45
CA ARG A 611 -56.80 5.55 5.19
C ARG A 611 -57.11 4.07 4.99
N ARG A 612 -56.48 3.46 3.99
CA ARG A 612 -56.75 2.05 3.64
C ARG A 612 -56.30 1.01 4.69
N VAL A 613 -55.47 1.43 5.64
CA VAL A 613 -55.04 0.55 6.72
C VAL A 613 -56.10 0.47 7.84
N LYS A 614 -56.67 1.62 8.21
CA LYS A 614 -57.69 1.69 9.25
C LYS A 614 -58.95 0.93 8.86
N GLU A 615 -59.25 0.91 7.57
CA GLU A 615 -60.39 0.17 7.03
C GLU A 615 -60.08 -1.31 7.13
N ASP A 616 -59.09 -1.76 6.37
CA ASP A 616 -58.68 -3.15 6.39
C ASP A 616 -57.18 -3.23 6.70
N GLU A 617 -56.85 -3.79 7.86
CA GLU A 617 -55.47 -3.93 8.30
C GLU A 617 -54.76 -5.04 7.54
N ASP A 618 -55.51 -6.09 7.21
CA ASP A 618 -54.96 -7.25 6.49
C ASP A 618 -55.05 -7.13 4.96
N ASP A 619 -55.23 -5.91 4.47
CA ASP A 619 -55.28 -5.64 3.04
C ASP A 619 -53.86 -5.80 2.51
N LYS A 620 -53.62 -6.87 1.75
CA LYS A 620 -52.28 -7.17 1.22
C LYS A 620 -51.75 -6.16 0.20
N THR A 621 -52.65 -5.56 -0.57
CA THR A 621 -52.26 -4.56 -1.56
C THR A 621 -51.52 -3.39 -0.89
N VAL A 622 -51.92 -3.03 0.33
CA VAL A 622 -51.26 -1.96 1.08
C VAL A 622 -49.98 -2.50 1.71
N SER A 623 -50.03 -3.76 2.17
CA SER A 623 -48.87 -4.40 2.80
C SER A 623 -47.77 -4.63 1.78
N ASP A 624 -48.14 -5.03 0.57
CA ASP A 624 -47.17 -5.23 -0.51
C ASP A 624 -46.57 -3.90 -0.94
N LEU A 625 -47.35 -2.84 -0.81
CA LEU A 625 -46.92 -1.49 -1.19
C LEU A 625 -46.00 -0.88 -0.14
N ALA A 626 -46.16 -1.29 1.12
CA ALA A 626 -45.31 -0.79 2.19
C ALA A 626 -43.89 -1.34 2.04
N VAL A 627 -43.78 -2.62 1.69
CA VAL A 627 -42.47 -3.27 1.49
C VAL A 627 -41.65 -2.60 0.38
N VAL A 628 -42.30 -2.36 -0.75
CA VAL A 628 -41.67 -1.76 -1.92
C VAL A 628 -41.24 -0.33 -1.58
N LEU A 629 -42.10 0.38 -0.85
CA LEU A 629 -41.84 1.76 -0.42
C LEU A 629 -40.67 1.79 0.57
N PHE A 630 -40.62 0.78 1.45
CA PHE A 630 -39.52 0.66 2.40
C PHE A 630 -38.21 0.39 1.67
N GLU A 631 -38.25 -0.52 0.69
CA GLU A 631 -37.07 -0.90 -0.08
C GLU A 631 -36.55 0.20 -0.97
N THR A 632 -37.45 1.01 -1.53
CA THR A 632 -36.99 2.17 -2.29
C THR A 632 -36.38 3.19 -1.32
N ALA A 633 -36.97 3.32 -0.12
CA ALA A 633 -36.44 4.26 0.89
C ALA A 633 -35.02 3.83 1.27
N THR A 634 -34.78 2.51 1.29
CA THR A 634 -33.45 1.97 1.56
C THR A 634 -32.43 2.60 0.60
N LEU A 635 -32.70 2.50 -0.71
CA LEU A 635 -31.83 3.08 -1.74
C LEU A 635 -31.75 4.62 -1.62
N ARG A 636 -32.90 5.25 -1.41
CA ARG A 636 -32.98 6.70 -1.29
C ARG A 636 -32.19 7.28 -0.12
N SER A 637 -32.10 6.47 0.93
CA SER A 637 -31.43 6.81 2.19
C SER A 637 -29.92 6.60 2.14
N GLY A 638 -29.45 5.87 1.13
CA GLY A 638 -28.02 5.61 0.97
C GLY A 638 -27.56 4.25 1.41
N TYR A 639 -28.50 3.31 1.59
CA TYR A 639 -28.17 1.95 2.02
C TYR A 639 -28.27 0.91 0.90
N LEU A 640 -27.40 -0.08 0.97
CA LEU A 640 -27.38 -1.14 -0.02
C LEU A 640 -28.62 -1.96 0.21
N LEU A 641 -29.12 -2.55 -0.87
CA LEU A 641 -30.31 -3.37 -0.80
C LEU A 641 -29.83 -4.78 -0.49
N PRO A 642 -30.50 -5.48 0.45
CA PRO A 642 -30.11 -6.83 0.88
C PRO A 642 -30.38 -7.98 -0.11
N ASP A 643 -31.21 -7.73 -1.12
CA ASP A 643 -31.53 -8.74 -2.15
C ASP A 643 -32.22 -8.10 -3.35
N THR A 644 -31.43 -7.82 -4.40
CA THR A 644 -31.94 -7.15 -5.59
C THR A 644 -32.86 -8.04 -6.41
N LYS A 645 -32.64 -9.35 -6.35
CA LYS A 645 -33.50 -10.29 -7.03
C LYS A 645 -34.94 -10.09 -6.53
N ALA A 646 -35.14 -10.21 -5.21
CA ALA A 646 -36.49 -10.07 -4.62
C ALA A 646 -37.07 -8.69 -4.85
N TYR A 647 -36.30 -7.65 -4.56
CA TYR A 647 -36.77 -6.30 -4.78
C TYR A 647 -37.35 -6.15 -6.17
N GLY A 648 -36.58 -6.62 -7.17
CA GLY A 648 -36.97 -6.55 -8.58
C GLY A 648 -38.26 -7.30 -8.83
N ASP A 649 -38.35 -8.49 -8.27
CA ASP A 649 -39.55 -9.34 -8.38
C ASP A 649 -40.78 -8.70 -7.75
N ARG A 650 -40.57 -7.84 -6.74
CA ARG A 650 -41.67 -7.10 -6.13
C ARG A 650 -42.08 -5.99 -7.09
N ILE A 651 -41.12 -5.17 -7.52
CA ILE A 651 -41.34 -4.13 -8.53
C ILE A 651 -42.13 -4.70 -9.71
N GLU A 652 -41.79 -5.94 -10.14
CA GLU A 652 -42.51 -6.58 -11.24
C GLU A 652 -43.98 -6.76 -10.92
N ARG A 653 -44.27 -7.37 -9.76
CA ARG A 653 -45.64 -7.62 -9.31
C ARG A 653 -46.41 -6.32 -9.19
N MET A 654 -45.76 -5.30 -8.65
CA MET A 654 -46.34 -3.99 -8.50
C MET A 654 -46.73 -3.48 -9.91
N LEU A 655 -45.80 -3.56 -10.86
CA LEU A 655 -46.04 -3.13 -12.24
C LEU A 655 -47.10 -3.96 -12.96
N ARG A 656 -47.27 -5.22 -12.55
CA ARG A 656 -48.31 -6.08 -13.13
C ARG A 656 -49.69 -5.62 -12.67
N LEU A 657 -49.81 -5.36 -11.37
CA LEU A 657 -51.07 -4.90 -10.78
C LEU A 657 -51.17 -3.37 -10.84
N SER A 658 -50.43 -2.77 -11.76
CA SER A 658 -50.45 -1.33 -12.00
C SER A 658 -50.93 -1.16 -13.44
N LEU A 659 -51.29 -2.29 -14.04
CA LEU A 659 -51.81 -2.35 -15.39
C LEU A 659 -52.71 -3.57 -15.50
N ASN A 660 -52.12 -4.72 -15.82
CA ASN A 660 -52.83 -6.00 -15.92
C ASN A 660 -51.81 -7.10 -16.20
N ILE A 661 -50.73 -6.71 -16.88
CA ILE A 661 -49.64 -7.58 -17.32
C ILE A 661 -49.29 -8.73 -16.37
N LYS B 36 11.40 -9.54 36.06
CA LYS B 36 10.99 -10.20 37.33
C LYS B 36 9.54 -10.73 37.29
N LEU B 37 9.13 -11.13 36.09
CA LEU B 37 7.80 -11.70 35.84
C LEU B 37 7.97 -12.84 34.84
N ILE B 38 9.20 -13.29 34.67
CA ILE B 38 9.55 -14.35 33.72
C ILE B 38 10.19 -15.54 34.45
N ILE B 39 10.82 -15.25 35.60
CA ILE B 39 11.52 -16.26 36.41
C ILE B 39 10.71 -17.52 36.72
N ASN B 40 9.42 -17.37 37.00
CA ASN B 40 8.58 -18.52 37.33
C ASN B 40 7.46 -18.77 36.31
N SER B 41 7.77 -18.59 35.03
CA SER B 41 6.78 -18.83 33.97
C SER B 41 7.41 -19.35 32.68
N LEU B 42 8.57 -18.80 32.33
CA LEU B 42 9.27 -19.21 31.11
C LEU B 42 10.68 -19.70 31.42
CA TYR B 43 8.61 -22.90 34.27
C TYR B 43 8.26 -24.09 33.37
N LYS B 44 7.38 -23.86 32.40
CA LYS B 44 6.98 -24.88 31.43
C LYS B 44 8.23 -25.22 30.64
N ASN B 45 8.67 -24.26 29.83
CA ASN B 45 9.92 -24.35 29.10
C ASN B 45 10.94 -23.76 30.09
N LYS B 46 11.46 -24.58 31.01
CA LYS B 46 12.37 -24.10 32.05
C LYS B 46 13.87 -24.33 31.83
N GLU B 47 14.19 -25.40 31.11
CA GLU B 47 15.58 -25.78 30.85
C GLU B 47 16.09 -25.21 29.52
N ILE B 48 15.29 -24.32 28.93
CA ILE B 48 15.59 -23.71 27.63
C ILE B 48 16.66 -22.63 27.66
N PHE B 49 17.31 -22.44 28.80
CA PHE B 49 18.36 -21.43 28.92
C PHE B 49 19.56 -21.85 28.07
N LEU B 50 19.77 -23.16 27.98
CA LEU B 50 20.89 -23.72 27.23
C LEU B 50 20.63 -23.65 25.73
N ARG B 51 19.37 -23.81 25.32
CA ARG B 51 19.02 -23.72 23.91
C ARG B 51 19.34 -22.33 23.37
N GLU B 52 19.03 -21.30 24.14
CA GLU B 52 19.27 -19.93 23.73
C GLU B 52 20.77 -19.57 23.79
N LEU B 53 21.50 -20.19 24.70
CA LEU B 53 22.95 -19.97 24.80
C LEU B 53 23.72 -20.73 23.72
N ILE B 54 23.20 -21.90 23.33
CA ILE B 54 23.79 -22.70 22.26
C ILE B 54 23.51 -21.97 20.94
N SER B 55 22.27 -21.50 20.79
CA SER B 55 21.83 -20.75 19.62
C SER B 55 22.69 -19.50 19.43
N ASN B 56 22.92 -18.75 20.50
CA ASN B 56 23.75 -17.54 20.44
C ASN B 56 25.19 -17.82 20.05
N ALA B 57 25.75 -18.88 20.63
CA ALA B 57 27.12 -19.30 20.34
C ALA B 57 27.26 -19.65 18.87
N SER B 58 26.27 -20.39 18.36
CA SER B 58 26.21 -20.81 16.96
C SER B 58 26.10 -19.61 16.02
N ASP B 59 25.37 -18.56 16.45
CA ASP B 59 25.26 -17.33 15.67
C ASP B 59 26.59 -16.60 15.61
N ALA B 60 27.29 -16.58 16.73
CA ALA B 60 28.60 -15.95 16.84
C ALA B 60 29.62 -16.71 16.00
N LEU B 61 29.50 -18.03 16.00
CA LEU B 61 30.35 -18.88 15.18
C LEU B 61 30.06 -18.66 13.69
N ASP B 62 28.77 -18.59 13.34
CA ASP B 62 28.32 -18.28 11.98
C ASP B 62 28.86 -16.94 11.51
N LYS B 63 28.86 -15.95 12.40
CA LYS B 63 29.28 -14.59 12.05
C LYS B 63 30.78 -14.42 11.83
N ILE B 64 31.62 -15.03 12.65
CA ILE B 64 33.07 -14.92 12.47
C ILE B 64 33.51 -15.68 11.22
N ARG B 65 32.83 -16.79 10.92
CA ARG B 65 33.15 -17.59 9.74
C ARG B 65 32.76 -16.82 8.48
N LEU B 66 31.70 -16.01 8.59
CA LEU B 66 31.20 -15.19 7.47
C LEU B 66 32.20 -14.05 7.19
N ILE B 67 32.82 -13.53 8.24
CA ILE B 67 33.80 -12.48 8.09
C ILE B 67 35.08 -13.04 7.47
N SER B 68 35.42 -14.28 7.82
CA SER B 68 36.66 -14.96 7.36
C SER B 68 36.73 -15.26 5.86
N LEU B 69 35.59 -15.15 5.18
CA LEU B 69 35.51 -15.41 3.75
C LEU B 69 36.20 -14.32 2.97
N THR B 70 36.04 -13.07 3.41
CA THR B 70 36.69 -11.93 2.74
C THR B 70 37.99 -11.52 3.45
N ASP B 71 38.11 -11.83 4.73
CA ASP B 71 39.28 -11.48 5.54
C ASP B 71 40.06 -12.71 6.01
N GLU B 72 41.31 -12.81 5.57
CA GLU B 72 42.18 -13.93 5.93
C GLU B 72 42.67 -13.85 7.39
N ASN B 73 42.77 -12.63 7.90
CA ASN B 73 43.22 -12.36 9.27
C ASN B 73 42.12 -12.47 10.33
N ALA B 74 40.95 -12.98 9.93
CA ALA B 74 39.82 -13.10 10.84
C ALA B 74 40.00 -14.15 11.95
N LEU B 75 40.39 -15.36 11.57
CA LEU B 75 40.59 -16.45 12.53
C LEU B 75 42.03 -16.49 13.11
N ALA B 76 42.53 -15.34 13.55
CA ALA B 76 43.90 -15.24 14.09
C ALA B 76 44.04 -15.82 15.50
N GLY B 77 43.20 -15.35 16.42
CA GLY B 77 43.19 -15.82 17.82
C GLY B 77 42.91 -17.30 17.95
N ASN B 78 41.91 -17.78 17.21
CA ASN B 78 41.56 -19.19 17.19
C ASN B 78 41.38 -19.75 15.80
N GLU B 79 41.98 -20.91 15.56
CA GLU B 79 41.82 -21.60 14.29
C GLU B 79 40.47 -22.30 14.32
N GLU B 80 40.15 -22.88 15.47
CA GLU B 80 38.92 -23.65 15.68
C GLU B 80 37.61 -22.86 15.76
N LEU B 81 36.52 -23.58 15.52
CA LEU B 81 35.16 -23.05 15.59
C LEU B 81 34.34 -24.07 16.37
N THR B 82 34.29 -23.87 17.69
CA THR B 82 33.60 -24.83 18.57
C THR B 82 32.76 -24.17 19.67
N VAL B 83 32.00 -25.01 20.38
CA VAL B 83 31.24 -24.62 21.55
C VAL B 83 31.63 -25.62 22.63
N LYS B 84 32.32 -25.13 23.66
CA LYS B 84 32.78 -25.99 24.75
C LYS B 84 32.12 -25.67 26.08
N ILE B 85 31.21 -26.56 26.50
CA ILE B 85 30.49 -26.40 27.76
C ILE B 85 31.25 -27.12 28.87
N LYS B 86 31.39 -26.47 30.02
CA LYS B 86 32.17 -27.01 31.13
C LYS B 86 31.48 -26.89 32.49
N CYS B 87 31.51 -27.99 33.25
CA CYS B 87 30.90 -28.05 34.57
C CYS B 87 31.94 -27.83 35.66
N ASP B 88 31.51 -27.33 36.82
CA ASP B 88 32.40 -27.08 37.96
C ASP B 88 31.59 -27.19 39.25
N LYS B 89 31.70 -28.35 39.90
CA LYS B 89 30.99 -28.63 41.15
C LYS B 89 31.37 -27.77 42.34
N GLU B 90 32.69 -27.66 42.59
CA GLU B 90 33.19 -26.89 43.72
C GLU B 90 32.82 -25.41 43.68
N LYS B 91 33.12 -24.75 42.57
CA LYS B 91 32.87 -23.31 42.43
C LYS B 91 31.43 -22.95 42.08
N ASN B 92 30.62 -23.96 41.76
CA ASN B 92 29.20 -23.81 41.40
C ASN B 92 29.04 -22.96 40.13
N LEU B 93 29.91 -23.22 39.15
CA LEU B 93 29.90 -22.46 37.90
C LEU B 93 29.65 -23.33 36.68
N LEU B 94 28.96 -22.78 35.70
CA LEU B 94 28.69 -23.44 34.44
C LEU B 94 29.13 -22.49 33.33
N HIS B 95 30.07 -22.94 32.52
CA HIS B 95 30.62 -22.10 31.45
C HIS B 95 30.17 -22.56 30.07
N VAL B 96 29.66 -21.63 29.28
CA VAL B 96 29.29 -21.90 27.90
C VAL B 96 30.25 -21.07 27.07
N THR B 97 31.25 -21.75 26.50
CA THR B 97 32.30 -21.08 25.76
C THR B 97 32.22 -21.29 24.25
N ASP B 98 32.30 -20.20 23.50
CA ASP B 98 32.34 -20.28 22.05
C ASP B 98 33.55 -19.53 21.51
N THR B 99 33.98 -19.94 20.32
CA THR B 99 35.09 -19.28 19.66
C THR B 99 34.55 -18.43 18.52
N GLY B 100 33.32 -17.93 18.71
CA GLY B 100 32.65 -17.08 17.73
C GLY B 100 33.23 -15.68 17.64
N VAL B 101 32.51 -14.77 17.00
CA VAL B 101 32.96 -13.39 16.79
C VAL B 101 33.39 -12.65 18.06
N GLY B 102 32.65 -12.84 19.14
CA GLY B 102 32.94 -12.15 20.40
C GLY B 102 32.22 -10.81 20.44
N MET B 103 32.53 -10.00 21.44
CA MET B 103 31.91 -8.69 21.60
C MET B 103 32.91 -7.65 22.10
N THR B 104 32.81 -6.43 21.55
CA THR B 104 33.68 -5.35 21.98
C THR B 104 33.06 -4.71 23.22
N ARG B 105 33.84 -3.90 23.92
CA ARG B 105 33.38 -3.20 25.13
C ARG B 105 32.09 -2.41 24.86
N GLU B 106 32.05 -1.73 23.71
CA GLU B 106 30.89 -0.94 23.31
C GLU B 106 29.66 -1.83 23.12
N GLU B 107 29.88 -3.01 22.53
CA GLU B 107 28.81 -3.97 22.28
C GLU B 107 28.30 -4.61 23.57
N LEU B 108 29.21 -4.89 24.50
CA LEU B 108 28.87 -5.49 25.80
C LEU B 108 27.84 -4.67 26.59
N VAL B 109 27.96 -3.35 26.53
CA VAL B 109 27.03 -2.45 27.21
C VAL B 109 25.64 -2.45 26.53
N LYS B 110 25.63 -2.46 25.20
CA LYS B 110 24.37 -2.41 24.43
C LYS B 110 23.65 -3.75 24.27
N ASN B 111 24.34 -4.72 23.66
CA ASN B 111 23.77 -6.05 23.37
C ASN B 111 23.25 -6.86 24.55
N LEU B 112 24.07 -6.97 25.59
CA LEU B 112 23.71 -7.74 26.77
C LEU B 112 22.73 -6.99 27.66
N GLY B 113 21.66 -7.67 28.05
CA GLY B 113 20.65 -7.09 28.92
C GLY B 113 19.24 -7.49 28.55
N THR B 114 18.36 -6.50 28.41
CA THR B 114 16.97 -6.75 28.07
C THR B 114 16.78 -7.05 26.59
N VAL B 146 12.76 -15.89 26.07
CA VAL B 146 13.54 -15.82 24.83
C VAL B 146 14.79 -14.95 24.98
N GLY B 147 15.83 -15.31 24.22
CA GLY B 147 17.07 -14.54 24.22
C GLY B 147 18.09 -14.81 25.30
N PHE B 148 18.99 -13.84 25.49
CA PHE B 148 20.07 -13.89 26.47
C PHE B 148 19.57 -13.77 27.90
N TYR B 149 18.44 -13.08 28.09
CA TYR B 149 17.89 -12.89 29.43
C TYR B 149 17.51 -14.20 30.12
N SER B 150 17.14 -15.20 29.33
CA SER B 150 16.75 -16.54 29.81
C SER B 150 17.80 -17.21 30.70
N ALA B 151 19.01 -16.66 30.70
CA ALA B 151 20.11 -17.16 31.52
C ALA B 151 19.86 -16.84 33.00
N PHE B 152 18.91 -15.93 33.25
CA PHE B 152 18.56 -15.57 34.62
C PHE B 152 17.43 -16.41 35.21
N LEU B 153 17.07 -17.49 34.53
CA LEU B 153 16.05 -18.42 35.01
C LEU B 153 16.69 -19.43 35.96
N VAL B 154 17.95 -19.78 35.69
CA VAL B 154 18.67 -20.77 36.50
C VAL B 154 19.84 -20.19 37.28
N ALA B 155 20.11 -18.89 37.08
CA ALA B 155 21.20 -18.22 37.78
C ALA B 155 20.81 -16.81 38.22
N ASP B 156 21.51 -16.28 39.22
CA ASP B 156 21.25 -14.92 39.71
C ASP B 156 22.44 -14.00 39.54
N LYS B 157 23.39 -14.41 38.69
CA LYS B 157 24.58 -13.62 38.38
C LYS B 157 25.28 -14.23 37.15
N VAL B 158 25.21 -13.50 36.04
CA VAL B 158 25.81 -13.94 34.77
C VAL B 158 27.10 -13.18 34.47
N ILE B 159 28.21 -13.93 34.38
CA ILE B 159 29.53 -13.37 34.07
C ILE B 159 29.87 -13.65 32.61
N VAL B 160 30.01 -12.60 31.81
CA VAL B 160 30.33 -12.74 30.39
C VAL B 160 31.74 -12.23 30.05
N THR B 161 32.64 -13.16 29.74
CA THR B 161 34.01 -12.83 29.38
C THR B 161 34.05 -12.80 27.85
N SER B 162 34.51 -11.69 27.26
CA SER B 162 34.49 -11.57 25.81
C SER B 162 35.70 -10.90 25.14
N LYS B 163 36.21 -11.56 24.09
CA LYS B 163 37.32 -11.05 23.29
C LYS B 163 36.92 -10.98 21.81
N HIS B 164 37.08 -9.79 21.25
CA HIS B 164 36.78 -9.51 19.84
C HIS B 164 38.09 -9.07 19.19
N ASN B 165 38.20 -9.25 17.87
CA ASN B 165 39.41 -8.87 17.13
C ASN B 165 39.80 -7.39 17.19
N ASN B 166 38.80 -6.51 17.27
CA ASN B 166 39.03 -5.07 17.27
C ASN B 166 39.15 -4.41 18.66
N ASP B 167 39.20 -5.22 19.72
CA ASP B 167 39.27 -4.68 21.09
C ASP B 167 40.00 -5.66 22.04
N THR B 168 40.39 -5.17 23.22
CA THR B 168 41.01 -6.01 24.23
C THR B 168 39.92 -6.78 24.99
N GLN B 169 40.31 -7.80 25.76
CA GLN B 169 39.35 -8.63 26.48
C GLN B 169 38.75 -7.94 27.70
N HIS B 170 37.43 -8.05 27.84
CA HIS B 170 36.69 -7.44 28.95
C HIS B 170 35.80 -8.45 29.67
N ILE B 171 35.31 -8.05 30.85
CA ILE B 171 34.43 -8.89 31.66
C ILE B 171 33.15 -8.11 31.97
N TRP B 172 32.01 -8.72 31.65
CA TRP B 172 30.70 -8.13 31.91
C TRP B 172 30.01 -8.97 32.98
N GLU B 173 29.53 -8.32 34.03
CA GLU B 173 28.80 -9.04 35.08
C GLU B 173 27.51 -8.31 35.44
N SER B 174 26.44 -9.09 35.62
CA SER B 174 25.15 -8.51 35.97
C SER B 174 24.39 -9.38 36.95
N ASP B 175 23.84 -8.73 37.97
CA ASP B 175 23.04 -9.40 38.99
C ASP B 175 21.56 -9.18 38.72
N SER B 176 21.17 -9.46 37.48
CA SER B 176 19.80 -9.31 36.96
C SER B 176 19.24 -7.89 36.89
N ASN B 177 19.86 -6.97 37.63
CA ASN B 177 19.43 -5.56 37.69
C ASN B 177 20.46 -4.57 37.12
N GLU B 178 21.59 -4.45 37.80
CA GLU B 178 22.64 -3.53 37.41
C GLU B 178 23.82 -4.29 36.81
N PHE B 179 24.79 -3.55 36.26
CA PHE B 179 25.94 -4.18 35.61
C PHE B 179 27.24 -3.36 35.72
N SER B 180 28.32 -3.94 35.21
CA SER B 180 29.65 -3.31 35.16
C SER B 180 30.48 -3.97 34.05
N VAL B 181 31.34 -3.18 33.41
CA VAL B 181 32.19 -3.69 32.32
C VAL B 181 33.62 -3.17 32.44
N ILE B 182 34.54 -4.03 32.87
CA ILE B 182 35.95 -3.64 32.99
C ILE B 182 36.88 -4.58 32.23
N ALA B 183 38.10 -4.11 31.97
CA ALA B 183 39.09 -4.91 31.27
C ALA B 183 39.50 -6.09 32.15
N ASP B 184 39.68 -7.24 31.52
CA ASP B 184 40.04 -8.47 32.22
C ASP B 184 41.46 -8.36 32.76
N PRO B 185 41.63 -8.54 34.08
CA PRO B 185 42.93 -8.53 34.75
C PRO B 185 43.87 -9.58 34.17
N ARG B 186 43.30 -10.70 33.73
CA ARG B 186 44.06 -11.78 33.11
C ARG B 186 44.51 -11.39 31.71
N GLY B 187 43.76 -10.48 31.07
CA GLY B 187 44.08 -10.02 29.73
C GLY B 187 43.42 -10.89 28.69
N ASN B 188 44.14 -11.16 27.60
CA ASN B 188 43.62 -11.98 26.51
C ASN B 188 43.86 -13.47 26.75
N THR B 189 42.80 -14.18 27.15
CA THR B 189 42.87 -15.62 27.42
C THR B 189 42.01 -16.42 26.45
N LEU B 190 41.04 -15.75 25.83
CA LEU B 190 40.12 -16.40 24.89
C LEU B 190 40.62 -16.39 23.44
N GLY B 191 41.47 -15.42 23.11
CA GLY B 191 41.97 -15.28 21.73
C GLY B 191 40.89 -14.62 20.89
N ARG B 192 39.73 -15.25 20.86
CA ARG B 192 38.56 -14.75 20.16
C ARG B 192 37.37 -15.54 20.68
N GLY B 193 36.30 -14.85 21.05
CA GLY B 193 35.09 -15.51 21.51
C GLY B 193 34.54 -15.05 22.84
N THR B 194 33.62 -15.84 23.38
CA THR B 194 32.96 -15.52 24.65
C THR B 194 32.72 -16.74 25.52
N THR B 195 32.85 -16.54 26.82
CA THR B 195 32.53 -17.56 27.80
C THR B 195 31.43 -16.95 28.66
N ILE B 196 30.32 -17.66 28.78
CA ILE B 196 29.23 -17.20 29.62
C ILE B 196 29.19 -18.08 30.86
N THR B 197 29.56 -17.47 31.99
CA THR B 197 29.57 -18.16 33.26
C THR B 197 28.23 -17.93 33.96
N LEU B 198 27.67 -19.01 34.51
CA LEU B 198 26.42 -18.95 35.23
C LEU B 198 26.64 -19.43 36.66
N VAL B 199 26.40 -18.53 37.62
CA VAL B 199 26.52 -18.88 39.03
C VAL B 199 25.12 -19.31 39.41
N LEU B 200 24.83 -20.61 39.27
CA LEU B 200 23.49 -21.18 39.49
C LEU B 200 22.88 -21.03 40.88
N LYS B 201 21.55 -20.96 40.88
CA LYS B 201 20.74 -20.87 42.10
C LYS B 201 20.76 -22.24 42.77
N GLU B 202 20.83 -22.26 44.09
CA GLU B 202 20.88 -23.52 44.84
C GLU B 202 19.54 -24.27 44.88
N GLU B 203 18.55 -23.78 44.14
CA GLU B 203 17.23 -24.41 44.08
C GLU B 203 17.04 -25.10 42.74
N ALA B 204 17.89 -24.74 41.78
CA ALA B 204 17.87 -25.31 40.43
C ALA B 204 19.31 -25.51 39.95
N SER B 205 20.09 -26.24 40.74
CA SER B 205 21.49 -26.52 40.43
C SER B 205 21.71 -27.97 39.99
N ASP B 206 20.65 -28.57 39.46
CA ASP B 206 20.65 -29.95 38.99
C ASP B 206 21.38 -30.06 37.64
N TYR B 207 21.54 -28.91 36.99
CA TYR B 207 22.15 -28.81 35.66
C TYR B 207 23.65 -29.14 35.57
N LEU B 208 24.35 -29.18 36.70
CA LEU B 208 25.79 -29.51 36.72
C LEU B 208 26.08 -31.01 36.78
N GLU B 209 25.07 -31.83 36.51
CA GLU B 209 25.23 -33.28 36.54
C GLU B 209 25.50 -33.81 35.13
N LEU B 210 26.53 -34.65 35.02
CA LEU B 210 26.95 -35.26 33.74
C LEU B 210 25.81 -35.91 32.97
N ASP B 211 24.98 -36.69 33.67
CA ASP B 211 23.83 -37.36 33.06
C ASP B 211 22.84 -36.33 32.50
N THR B 212 22.62 -35.26 33.26
CA THR B 212 21.67 -34.22 32.89
C THR B 212 22.15 -33.37 31.72
N ILE B 213 23.41 -32.91 31.79
CA ILE B 213 23.98 -32.06 30.75
C ILE B 213 24.15 -32.74 29.38
N LYS B 214 24.53 -34.02 29.39
CA LYS B 214 24.74 -34.78 28.14
C LYS B 214 23.47 -34.94 27.31
N ASN B 215 22.33 -35.12 27.97
CA ASN B 215 21.05 -35.26 27.26
C ASN B 215 20.45 -33.90 26.92
N LEU B 216 20.82 -32.88 27.69
CA LEU B 216 20.29 -31.54 27.50
C LEU B 216 20.92 -30.82 26.30
N VAL B 217 22.19 -31.11 26.03
CA VAL B 217 22.89 -30.53 24.89
C VAL B 217 22.47 -31.19 23.59
N LYS B 218 22.16 -32.49 23.66
CA LYS B 218 21.71 -33.24 22.49
C LYS B 218 20.28 -32.86 22.14
N LYS B 219 19.51 -32.46 23.15
CA LYS B 219 18.12 -32.06 22.98
C LYS B 219 17.97 -30.76 22.20
N TYR B 220 18.94 -29.85 22.34
CA TYR B 220 18.85 -28.54 21.69
C TYR B 220 19.97 -28.21 20.68
N SER B 221 20.67 -29.21 20.19
CA SER B 221 21.72 -28.99 19.20
C SER B 221 21.61 -29.96 18.02
N GLN B 222 20.39 -30.35 17.69
CA GLN B 222 20.11 -31.27 16.61
C GLN B 222 20.42 -30.64 15.25
N PHE B 223 20.18 -29.33 15.15
CA PHE B 223 20.39 -28.61 13.90
C PHE B 223 21.40 -27.49 14.08
N ILE B 224 22.40 -27.75 14.91
CA ILE B 224 23.51 -26.82 15.13
C ILE B 224 24.67 -27.43 14.35
N ASN B 225 25.18 -26.67 13.38
CA ASN B 225 26.22 -27.14 12.49
C ASN B 225 27.68 -26.75 12.82
N PHE B 226 27.97 -26.76 14.11
CA PHE B 226 29.29 -26.49 14.68
C PHE B 226 29.44 -27.50 15.81
N PRO B 227 30.67 -28.03 16.01
CA PRO B 227 30.91 -29.04 17.05
C PRO B 227 30.67 -28.55 18.49
N ILE B 228 29.80 -29.25 19.20
CA ILE B 228 29.50 -28.93 20.60
C ILE B 228 30.19 -29.97 21.46
N TYR B 229 31.03 -29.50 22.37
CA TYR B 229 31.78 -30.38 23.27
C TYR B 229 31.39 -30.19 24.73
N VAL B 230 31.59 -31.24 25.52
CA VAL B 230 31.33 -31.20 26.96
C VAL B 230 32.52 -31.82 27.69
N TRP B 231 32.80 -31.31 28.88
CA TRP B 231 33.92 -31.83 29.66
C TRP B 231 33.49 -33.13 30.33
N SER B 232 34.09 -34.25 29.88
CA SER B 232 33.79 -35.57 30.43
C SER B 232 35.01 -36.49 30.45
N SER B 233 34.84 -37.69 31.01
CA SER B 233 35.93 -38.65 31.13
C SER B 233 35.48 -40.11 31.07
N LYS B 234 36.43 -41.01 30.83
CA LYS B 234 36.17 -42.44 30.78
C LYS B 234 37.03 -43.15 31.83
N THR B 235 36.39 -44.02 32.61
CA THR B 235 37.10 -44.76 33.65
C THR B 235 37.72 -46.02 33.06
N VAL B 242 40.13 -40.37 32.16
CA VAL B 242 40.86 -39.40 31.35
C VAL B 242 39.92 -38.29 30.88
N TRP B 243 40.04 -37.12 31.50
CA TRP B 243 39.21 -35.95 31.19
C TRP B 243 39.59 -35.27 29.87
N ASP B 244 38.60 -35.12 28.98
CA ASP B 244 38.80 -34.46 27.69
C ASP B 244 37.42 -34.07 27.15
N TRP B 245 37.38 -33.41 26.00
CA TRP B 245 36.12 -33.00 25.38
C TRP B 245 35.50 -34.12 24.56
N GLU B 246 34.17 -34.20 24.58
CA GLU B 246 33.42 -35.22 23.84
C GLU B 246 32.40 -34.60 22.91
N LEU B 247 32.20 -35.24 21.74
CA LEU B 247 31.23 -34.77 20.75
C LEU B 247 29.82 -35.31 20.96
N MET B 248 28.89 -34.40 21.25
CA MET B 248 27.50 -34.74 21.43
C MET B 248 26.73 -34.23 20.22
N ASN B 249 27.45 -33.99 19.12
CA ASN B 249 26.88 -33.36 17.95
C ASN B 249 27.42 -33.85 16.59
N ASP B 250 26.50 -34.14 15.66
CA ASP B 250 26.86 -34.52 14.29
C ASP B 250 26.58 -33.28 13.44
N ILE B 251 27.64 -32.66 12.93
CA ILE B 251 27.53 -31.41 12.17
C ILE B 251 27.18 -31.52 10.69
N LYS B 252 26.84 -32.73 10.24
CA LYS B 252 26.41 -32.95 8.87
C LYS B 252 24.97 -32.42 8.82
N PRO B 253 24.71 -31.43 7.94
CA PRO B 253 23.40 -30.82 7.81
C PRO B 253 22.33 -31.77 7.30
N ILE B 254 21.10 -31.54 7.74
CA ILE B 254 19.96 -32.36 7.34
C ILE B 254 19.73 -32.33 5.82
N TRP B 255 19.97 -31.18 5.19
CA TRP B 255 19.78 -31.04 3.75
C TRP B 255 20.82 -31.78 2.91
N GLN B 256 22.01 -32.00 3.49
CA GLN B 256 23.09 -32.71 2.80
C GLN B 256 23.02 -34.24 2.87
N ARG B 257 22.10 -34.75 3.68
CA ARG B 257 21.89 -36.18 3.83
C ARG B 257 21.00 -36.69 2.70
N PRO B 258 21.08 -37.98 2.35
CA PRO B 258 20.21 -38.59 1.34
C PRO B 258 18.73 -38.52 1.74
N SER B 259 17.86 -38.20 0.79
CA SER B 259 16.42 -38.05 1.02
C SER B 259 15.71 -39.22 1.69
N LYS B 260 16.16 -40.44 1.37
CA LYS B 260 15.58 -41.66 1.91
C LYS B 260 15.79 -41.78 3.42
N GLU B 261 17.04 -41.57 3.84
CA GLU B 261 17.46 -41.69 5.25
C GLU B 261 16.87 -40.69 6.24
N VAL B 262 16.37 -39.56 5.75
CA VAL B 262 15.80 -38.55 6.64
C VAL B 262 14.35 -38.89 6.98
N GLU B 263 14.09 -39.08 8.26
CA GLU B 263 12.76 -39.45 8.74
C GLU B 263 11.82 -38.24 8.75
N ASP B 264 10.53 -38.50 8.54
CA ASP B 264 9.50 -37.46 8.50
C ASP B 264 9.49 -36.56 9.74
N ASP B 265 9.71 -37.15 10.91
CA ASP B 265 9.73 -36.38 12.16
C ASP B 265 10.93 -35.44 12.23
N GLU B 266 12.01 -35.77 11.53
CA GLU B 266 13.21 -34.94 11.52
C GLU B 266 13.00 -33.68 10.69
N TYR B 267 12.22 -33.80 9.61
CA TYR B 267 11.89 -32.65 8.76
C TYR B 267 11.01 -31.68 9.51
N LYS B 268 10.16 -32.22 10.37
CA LYS B 268 9.24 -31.40 11.16
C LYS B 268 10.00 -30.66 12.26
N ALA B 269 10.91 -31.38 12.91
CA ALA B 269 11.76 -30.79 13.96
C ALA B 269 12.66 -29.70 13.39
N PHE B 270 13.07 -29.87 12.12
CA PHE B 270 13.90 -28.90 11.43
C PHE B 270 13.13 -27.61 11.10
N TYR B 271 11.85 -27.77 10.78
CA TYR B 271 11.00 -26.62 10.47
C TYR B 271 10.81 -25.70 11.67
N LYS B 272 10.65 -26.29 12.86
CA LYS B 272 10.44 -25.53 14.08
C LYS B 272 11.74 -24.93 14.64
N SER B 273 12.88 -25.42 14.18
CA SER B 273 14.17 -24.92 14.65
C SER B 273 14.48 -23.52 14.16
N PHE B 274 13.99 -23.17 12.96
CA PHE B 274 14.25 -21.84 12.43
C PHE B 274 13.03 -20.93 12.35
N SER B 275 11.85 -21.53 12.32
CA SER B 275 10.62 -20.75 12.26
C SER B 275 10.14 -20.38 13.67
N LYS B 276 10.49 -21.24 14.64
CA LYS B 276 10.11 -21.12 16.06
C LYS B 276 8.57 -21.04 16.20
N GLU B 277 7.89 -21.73 15.28
CA GLU B 277 6.43 -21.71 15.17
C GLU B 277 5.65 -22.77 15.98
N SER B 278 6.36 -23.80 16.47
CA SER B 278 5.76 -24.90 17.25
C SER B 278 4.98 -25.95 16.44
N ASP B 279 4.14 -25.50 15.50
CA ASP B 279 3.34 -26.41 14.69
C ASP B 279 4.07 -26.94 13.46
N ASP B 280 3.50 -27.98 12.85
CA ASP B 280 4.08 -28.60 11.67
C ASP B 280 3.91 -27.76 10.41
N PRO B 281 4.79 -27.97 9.41
CA PRO B 281 4.58 -27.30 8.15
C PRO B 281 3.46 -28.03 7.39
N MET B 282 2.77 -27.33 6.50
CA MET B 282 1.69 -27.94 5.72
C MET B 282 2.27 -28.95 4.75
N ALA B 283 3.39 -28.59 4.12
CA ALA B 283 4.10 -29.49 3.19
C ALA B 283 5.60 -29.16 3.13
N TYR B 284 6.40 -30.12 2.68
CA TYR B 284 7.84 -29.91 2.51
C TYR B 284 8.39 -30.71 1.35
N ILE B 285 9.56 -30.30 0.85
CA ILE B 285 10.23 -30.99 -0.26
C ILE B 285 11.74 -30.90 -0.11
N HIS B 286 12.40 -32.02 -0.34
CA HIS B 286 13.85 -32.07 -0.21
C HIS B 286 14.44 -32.64 -1.50
N PHE B 287 15.15 -31.79 -2.23
CA PHE B 287 15.67 -32.15 -3.54
C PHE B 287 17.10 -31.71 -3.79
N THR B 288 17.73 -32.36 -4.76
CA THR B 288 19.06 -32.01 -5.23
C THR B 288 18.84 -31.50 -6.65
N ALA B 289 19.26 -30.27 -6.91
CA ALA B 289 19.12 -29.68 -8.23
C ALA B 289 20.27 -30.11 -9.13
N GLU B 290 19.98 -30.37 -10.40
CA GLU B 290 21.00 -30.81 -11.34
C GLU B 290 20.98 -30.05 -12.67
N GLY B 291 22.12 -30.07 -13.35
CA GLY B 291 22.23 -29.42 -14.65
C GLY B 291 23.05 -28.15 -14.61
N GLU B 292 22.43 -27.06 -15.04
CA GLU B 292 23.07 -25.74 -15.15
C GLU B 292 23.72 -25.27 -13.84
N VAL B 293 23.16 -25.73 -12.72
CA VAL B 293 23.67 -25.42 -11.38
C VAL B 293 23.31 -26.60 -10.44
N THR B 294 24.13 -26.85 -9.44
CA THR B 294 23.85 -27.92 -8.49
C THR B 294 23.72 -27.37 -7.06
N PHE B 295 22.62 -27.68 -6.40
CA PHE B 295 22.42 -27.29 -5.01
C PHE B 295 21.54 -28.30 -4.30
N LYS B 296 21.51 -28.22 -2.97
CA LYS B 296 20.63 -29.07 -2.15
C LYS B 296 19.73 -28.16 -1.36
N SER B 297 18.45 -28.50 -1.33
CA SER B 297 17.47 -27.65 -0.68
C SER B 297 16.30 -28.37 -0.04
N ILE B 298 15.77 -27.77 1.02
CA ILE B 298 14.59 -28.23 1.73
C ILE B 298 13.71 -27.01 1.81
N LEU B 299 12.53 -27.08 1.21
CA LEU B 299 11.57 -25.98 1.22
C LEU B 299 10.32 -26.38 1.97
N PHE B 300 9.66 -25.40 2.60
CA PHE B 300 8.46 -25.63 3.41
C PHE B 300 7.27 -24.74 3.10
N VAL B 301 6.07 -25.31 3.26
CA VAL B 301 4.84 -24.55 3.19
C VAL B 301 4.36 -24.46 4.64
N PRO B 302 4.19 -23.24 5.16
CA PRO B 302 3.67 -23.09 6.53
C PRO B 302 2.15 -23.27 6.52
N THR B 303 1.55 -23.40 7.71
CA THR B 303 0.11 -23.57 7.84
C THR B 303 -0.64 -22.22 7.83
N SER B 304 0.08 -21.11 7.92
CA SER B 304 -0.56 -19.81 7.93
C SER B 304 0.29 -18.75 7.27
N ALA B 305 -0.35 -17.88 6.49
CA ALA B 305 0.35 -16.79 5.78
C ALA B 305 1.35 -16.03 6.64
N TYR B 320 11.18 -17.12 4.80
CA TYR B 320 12.61 -16.84 4.84
C TYR B 320 13.48 -18.01 4.36
N ILE B 321 14.34 -17.71 3.38
CA ILE B 321 15.23 -18.69 2.75
C ILE B 321 16.70 -18.46 3.17
N LYS B 322 17.28 -19.45 3.85
CA LYS B 322 18.68 -19.39 4.27
C LYS B 322 19.62 -19.85 3.16
N LEU B 323 20.59 -19.01 2.79
CA LEU B 323 21.54 -19.35 1.74
C LEU B 323 22.91 -19.80 2.29
N TYR B 324 23.33 -21.00 1.90
CA TYR B 324 24.60 -21.59 2.29
C TYR B 324 25.42 -21.88 1.03
N VAL B 325 26.73 -21.68 1.10
CA VAL B 325 27.60 -22.04 -0.02
C VAL B 325 28.73 -22.96 0.52
N ARG B 326 28.86 -24.13 -0.09
CA ARG B 326 29.81 -25.16 0.34
C ARG B 326 29.65 -25.48 1.83
N ARG B 327 28.39 -25.63 2.26
CA ARG B 327 28.01 -25.90 3.66
C ARG B 327 28.27 -24.75 4.65
N VAL B 328 28.62 -23.57 4.15
CA VAL B 328 28.89 -22.40 5.00
C VAL B 328 27.75 -21.38 4.89
N PHE B 329 27.13 -21.06 6.03
CA PHE B 329 26.04 -20.08 6.10
C PHE B 329 26.44 -18.71 5.59
N ILE B 330 25.65 -18.15 4.68
CA ILE B 330 25.94 -16.84 4.12
C ILE B 330 24.97 -15.77 4.58
N THR B 331 23.68 -15.96 4.29
CA THR B 331 22.68 -14.96 4.63
C THR B 331 21.25 -15.46 4.57
N ASP B 332 20.34 -14.63 5.06
CA ASP B 332 18.90 -14.86 5.02
C ASP B 332 18.21 -13.51 4.73
N ASP B 333 19.02 -12.52 4.33
CA ASP B 333 18.55 -11.16 4.04
C ASP B 333 18.49 -10.85 2.54
N PHE B 334 18.52 -11.90 1.73
CA PHE B 334 18.37 -11.76 0.29
C PHE B 334 16.87 -11.86 0.08
N HIS B 335 16.23 -10.69 -0.03
CA HIS B 335 14.77 -10.59 -0.13
C HIS B 335 14.14 -11.17 -1.40
N ASP B 336 14.90 -11.21 -2.49
CA ASP B 336 14.38 -11.73 -3.75
C ASP B 336 14.73 -13.19 -4.06
N MET B 337 14.96 -14.01 -3.03
CA MET B 337 15.25 -15.43 -3.25
C MET B 337 14.08 -16.17 -3.91
N MET B 338 12.87 -15.73 -3.56
CA MET B 338 11.63 -16.27 -4.09
C MET B 338 10.84 -15.10 -4.66
N PRO B 339 9.91 -15.37 -5.61
CA PRO B 339 9.08 -14.30 -6.14
C PRO B 339 8.13 -13.84 -5.05
N LYS B 340 7.68 -12.60 -5.12
CA LYS B 340 6.80 -12.03 -4.09
C LYS B 340 5.58 -12.87 -3.77
N TYR B 341 4.99 -13.49 -4.79
CA TYR B 341 3.80 -14.32 -4.59
C TYR B 341 4.08 -15.57 -3.75
N LEU B 342 5.33 -16.01 -3.71
CA LEU B 342 5.71 -17.18 -2.90
C LEU B 342 6.52 -16.81 -1.64
N ASN B 343 6.29 -15.60 -1.14
CA ASN B 343 7.00 -15.09 0.04
C ASN B 343 6.75 -15.86 1.35
N PHE B 344 5.86 -16.83 1.30
CA PHE B 344 5.53 -17.61 2.50
C PHE B 344 6.41 -18.83 2.63
N VAL B 345 7.10 -19.18 1.55
CA VAL B 345 7.95 -20.35 1.53
C VAL B 345 9.20 -20.13 2.39
N LYS B 346 9.47 -21.09 3.27
CA LYS B 346 10.62 -21.04 4.16
C LYS B 346 11.53 -22.22 3.86
N GLY B 347 12.84 -22.03 3.97
CA GLY B 347 13.77 -23.14 3.73
C GLY B 347 15.25 -22.83 3.69
N VAL B 348 16.02 -23.79 3.21
CA VAL B 348 17.47 -23.67 3.06
C VAL B 348 17.92 -24.00 1.64
N VAL B 349 19.01 -23.36 1.22
CA VAL B 349 19.63 -23.61 -0.08
C VAL B 349 21.14 -23.70 0.15
N ASP B 350 21.72 -24.83 -0.25
CA ASP B 350 23.16 -25.06 -0.08
C ASP B 350 23.81 -25.44 -1.41
N SER B 351 24.59 -24.52 -1.98
CA SER B 351 25.23 -24.71 -3.28
C SER B 351 26.76 -24.80 -3.22
N ASP B 352 27.34 -25.68 -4.03
CA ASP B 352 28.79 -25.82 -4.09
C ASP B 352 29.30 -25.15 -5.37
N ASP B 353 28.38 -24.55 -6.12
CA ASP B 353 28.70 -23.89 -7.39
C ASP B 353 28.79 -22.37 -7.32
N LEU B 354 28.33 -21.79 -6.21
CA LEU B 354 28.40 -20.34 -6.03
C LEU B 354 29.74 -19.94 -5.40
N PRO B 355 30.21 -18.70 -5.67
CA PRO B 355 31.44 -18.22 -5.04
C PRO B 355 31.29 -18.07 -3.53
N LEU B 356 32.34 -18.45 -2.80
CA LEU B 356 32.34 -18.41 -1.34
C LEU B 356 33.04 -17.17 -0.82
N ASN B 357 34.29 -17.00 -1.23
CA ASN B 357 35.15 -15.91 -0.78
C ASN B 357 34.90 -14.57 -1.49
N VAL B 358 33.63 -14.24 -1.67
CA VAL B 358 33.21 -13.01 -2.32
C VAL B 358 32.23 -12.23 -1.43
N SER B 359 31.91 -11.00 -1.86
CA SER B 359 31.04 -10.10 -1.13
C SER B 359 29.56 -10.44 -1.28
N ARG B 360 28.76 -10.05 -0.28
CA ARG B 360 27.31 -10.28 -0.33
C ARG B 360 26.66 -9.55 -1.51
N GLU B 361 27.07 -8.31 -1.72
CA GLU B 361 26.57 -7.50 -2.83
C GLU B 361 26.84 -8.23 -4.15
N THR B 362 28.09 -8.61 -4.36
CA THR B 362 28.52 -9.33 -5.57
C THR B 362 27.74 -10.64 -5.78
N LEU B 363 27.68 -11.46 -4.73
CA LEU B 363 27.03 -12.78 -4.76
C LEU B 363 25.50 -12.71 -4.97
N GLN B 364 24.90 -11.57 -4.64
CA GLN B 364 23.46 -11.38 -4.83
C GLN B 364 23.10 -11.23 -6.32
N GLN B 365 24.03 -10.69 -7.11
CA GLN B 365 23.84 -10.47 -8.55
C GLN B 365 24.57 -11.49 -9.41
N HIS B 366 25.00 -12.60 -8.82
CA HIS B 366 25.71 -13.64 -9.58
C HIS B 366 24.74 -14.38 -10.49
N LYS B 367 25.20 -14.67 -11.71
CA LYS B 367 24.41 -15.35 -12.74
C LYS B 367 23.76 -16.69 -12.33
N LEU B 368 24.49 -17.49 -11.55
CA LEU B 368 24.00 -18.78 -11.07
C LEU B 368 22.89 -18.67 -10.04
N LEU B 369 22.83 -17.55 -9.34
CA LEU B 369 21.80 -17.37 -8.32
C LEU B 369 20.40 -17.28 -8.94
N LYS B 370 20.32 -16.73 -10.14
CA LYS B 370 19.08 -16.57 -10.87
C LYS B 370 18.59 -17.92 -11.40
N VAL B 371 19.53 -18.80 -11.70
CA VAL B 371 19.24 -20.16 -12.16
C VAL B 371 18.71 -20.94 -10.97
N ILE B 372 19.25 -20.66 -9.79
CA ILE B 372 18.78 -21.25 -8.53
C ILE B 372 17.38 -20.74 -8.23
N ARG B 373 17.18 -19.44 -8.42
CA ARG B 373 15.87 -18.82 -8.19
C ARG B 373 14.76 -19.44 -9.03
N LYS B 374 15.04 -19.68 -10.31
CA LYS B 374 14.05 -20.31 -11.20
C LYS B 374 13.75 -21.75 -10.78
N LYS B 375 14.76 -22.48 -10.30
CA LYS B 375 14.55 -23.87 -9.87
C LYS B 375 13.78 -23.96 -8.57
N LEU B 376 13.95 -22.96 -7.70
CA LEU B 376 13.22 -22.96 -6.44
C LEU B 376 11.72 -22.84 -6.68
N VAL B 377 11.32 -21.96 -7.61
CA VAL B 377 9.92 -21.78 -7.92
C VAL B 377 9.31 -23.08 -8.44
N ARG B 378 9.93 -23.68 -9.44
CA ARG B 378 9.42 -24.92 -10.05
C ARG B 378 9.31 -26.06 -9.04
N LYS B 379 10.28 -26.17 -8.14
CA LYS B 379 10.23 -27.22 -7.12
C LYS B 379 9.24 -26.89 -6.01
N THR B 380 9.02 -25.59 -5.79
CA THR B 380 8.00 -25.15 -4.83
C THR B 380 6.64 -25.53 -5.39
N LEU B 381 6.43 -25.27 -6.67
CA LEU B 381 5.17 -25.61 -7.34
C LEU B 381 4.99 -27.13 -7.40
N ASP B 382 6.10 -27.86 -7.57
CA ASP B 382 6.07 -29.33 -7.53
C ASP B 382 5.54 -29.78 -6.18
N MET B 383 5.99 -29.10 -5.11
CA MET B 383 5.56 -29.39 -3.74
C MET B 383 4.06 -29.10 -3.54
N ILE B 384 3.64 -27.92 -4.00
CA ILE B 384 2.26 -27.47 -3.89
C ILE B 384 1.34 -28.42 -4.65
N LYS B 385 1.85 -29.04 -5.71
CA LYS B 385 1.07 -29.97 -6.51
C LYS B 385 1.00 -31.37 -5.88
N LYS B 386 1.99 -31.74 -5.08
CA LYS B 386 2.02 -33.04 -4.40
C LYS B 386 1.03 -33.16 -3.22
N ILE B 387 0.45 -32.03 -2.80
CA ILE B 387 -0.52 -32.01 -1.70
C ILE B 387 -1.79 -32.73 -2.13
N ALA B 388 -2.30 -33.62 -1.29
CA ALA B 388 -3.50 -34.39 -1.56
C ALA B 388 -4.71 -33.48 -1.80
N ASP B 389 -5.59 -33.93 -2.70
CA ASP B 389 -6.80 -33.22 -3.15
C ASP B 389 -7.62 -32.49 -2.07
N GLU B 390 -8.17 -33.22 -1.11
CA GLU B 390 -9.00 -32.59 -0.07
C GLU B 390 -8.22 -31.53 0.69
N LYS B 391 -7.02 -31.91 1.15
CA LYS B 391 -6.16 -31.00 1.91
C LYS B 391 -5.82 -29.77 1.09
N TYR B 392 -5.64 -29.97 -0.21
CA TYR B 392 -5.34 -28.85 -1.07
C TYR B 392 -6.46 -27.79 -1.06
N ASN B 393 -7.71 -28.24 -1.29
CA ASN B 393 -8.83 -27.29 -1.31
C ASN B 393 -9.20 -26.83 0.10
N ASP B 394 -9.29 -27.77 1.03
CA ASP B 394 -9.68 -27.44 2.39
C ASP B 394 -8.64 -26.55 3.10
N THR B 395 -7.36 -26.89 2.99
CA THR B 395 -6.31 -26.19 3.71
C THR B 395 -5.37 -25.25 2.91
N PHE B 396 -4.63 -25.77 1.93
CA PHE B 396 -3.77 -24.90 1.15
C PHE B 396 -4.54 -23.74 0.54
N TRP B 397 -5.57 -24.07 -0.25
CA TRP B 397 -6.35 -23.05 -0.92
C TRP B 397 -6.91 -21.93 0.00
N LYS B 398 -7.40 -22.31 1.18
CA LYS B 398 -7.96 -21.34 2.13
C LYS B 398 -6.90 -20.33 2.55
N GLU B 399 -5.68 -20.83 2.75
CA GLU B 399 -4.56 -19.99 3.17
C GLU B 399 -3.87 -19.24 2.05
N PHE B 400 -3.39 -19.97 1.04
CA PHE B 400 -2.56 -19.34 0.02
C PHE B 400 -3.17 -19.18 -1.36
N GLY B 401 -4.48 -19.34 -1.44
CA GLY B 401 -5.20 -19.23 -2.70
C GLY B 401 -4.92 -17.94 -3.41
N THR B 402 -4.90 -16.83 -2.66
CA THR B 402 -4.65 -15.50 -3.23
C THR B 402 -3.23 -15.41 -3.81
N ASN B 403 -2.28 -16.08 -3.16
CA ASN B 403 -0.92 -16.11 -3.67
C ASN B 403 -0.83 -16.76 -5.06
N ILE B 404 -1.63 -17.80 -5.28
CA ILE B 404 -1.66 -18.47 -6.60
C ILE B 404 -2.27 -17.56 -7.68
N LYS B 405 -3.30 -16.81 -7.31
CA LYS B 405 -3.94 -15.86 -8.23
C LYS B 405 -2.95 -14.76 -8.59
N LEU B 406 -2.21 -14.25 -7.61
CA LEU B 406 -1.18 -13.23 -7.85
C LEU B 406 -0.07 -13.85 -8.67
N GLY B 407 0.15 -15.14 -8.45
CA GLY B 407 1.16 -15.90 -9.21
C GLY B 407 0.87 -15.94 -10.69
N VAL B 408 -0.37 -16.26 -11.04
CA VAL B 408 -0.82 -16.30 -12.44
C VAL B 408 -0.51 -14.96 -13.12
N ILE B 409 -0.68 -13.87 -12.37
CA ILE B 409 -0.47 -12.51 -12.86
C ILE B 409 1.01 -12.14 -12.95
N GLU B 410 1.78 -12.49 -11.93
CA GLU B 410 3.20 -12.17 -11.87
C GLU B 410 4.09 -13.06 -12.76
N ASP B 411 3.97 -14.37 -12.59
CA ASP B 411 4.85 -15.36 -13.22
C ASP B 411 4.41 -15.89 -14.58
N HIS B 412 4.94 -15.28 -15.64
CA HIS B 412 4.61 -15.64 -17.02
C HIS B 412 5.10 -17.04 -17.38
N SER B 413 6.26 -17.40 -16.83
CA SER B 413 6.87 -18.70 -17.08
C SER B 413 6.11 -19.88 -16.49
N ASN B 414 5.51 -19.68 -15.33
CA ASN B 414 4.78 -20.76 -14.67
C ASN B 414 3.27 -20.60 -14.64
N ARG B 415 2.78 -19.69 -15.47
CA ARG B 415 1.36 -19.39 -15.56
C ARG B 415 0.49 -20.63 -15.79
N THR B 416 0.88 -21.46 -16.76
CA THR B 416 0.13 -22.67 -17.09
C THR B 416 0.12 -23.64 -15.92
N ARG B 417 1.26 -23.74 -15.23
CA ARG B 417 1.34 -24.57 -14.02
C ARG B 417 0.44 -24.02 -12.92
N LEU B 418 0.38 -22.69 -12.83
CA LEU B 418 -0.40 -21.99 -11.82
C LEU B 418 -1.90 -22.01 -12.10
N ALA B 419 -2.26 -21.94 -13.38
CA ALA B 419 -3.66 -21.96 -13.78
C ALA B 419 -4.34 -23.24 -13.32
N LYS B 420 -3.59 -24.34 -13.31
CA LYS B 420 -4.12 -25.62 -12.88
C LYS B 420 -4.26 -25.72 -11.36
N LEU B 421 -3.71 -24.75 -10.65
CA LEU B 421 -3.78 -24.71 -9.19
C LEU B 421 -4.92 -23.83 -8.71
N LEU B 422 -5.44 -23.00 -9.60
CA LEU B 422 -6.56 -22.12 -9.29
C LEU B 422 -7.79 -22.93 -8.94
N ARG B 423 -8.56 -22.41 -7.97
CA ARG B 423 -9.84 -22.99 -7.60
C ARG B 423 -10.86 -21.86 -7.53
N PHE B 424 -12.09 -22.14 -7.97
CA PHE B 424 -13.17 -21.15 -7.84
C PHE B 424 -14.47 -21.83 -7.51
N GLN B 425 -15.42 -21.02 -7.04
CA GLN B 425 -16.77 -21.53 -6.81
C GLN B 425 -17.43 -21.48 -8.17
N SER B 426 -18.43 -22.32 -8.38
CA SER B 426 -19.16 -22.35 -9.63
C SER B 426 -20.56 -22.81 -9.35
N SER B 427 -21.41 -22.76 -10.36
CA SER B 427 -22.81 -23.20 -10.24
C SER B 427 -22.98 -24.72 -10.13
N HIS B 428 -21.88 -25.46 -10.18
CA HIS B 428 -21.94 -26.92 -10.08
C HIS B 428 -22.41 -27.35 -8.69
N HIS B 429 -21.93 -26.66 -7.65
CA HIS B 429 -22.26 -26.96 -6.27
C HIS B 429 -22.47 -25.65 -5.52
N PRO B 430 -23.39 -25.63 -4.52
CA PRO B 430 -23.61 -24.46 -3.69
C PRO B 430 -22.36 -23.91 -2.97
N SER B 431 -21.41 -24.79 -2.57
CA SER B 431 -20.24 -24.30 -1.83
C SER B 431 -18.86 -24.76 -2.28
N ASP B 432 -18.77 -26.00 -2.73
CA ASP B 432 -17.54 -26.61 -3.20
C ASP B 432 -16.85 -25.74 -4.25
N ILE B 433 -15.52 -25.72 -4.20
CA ILE B 433 -14.75 -24.98 -5.18
C ILE B 433 -14.31 -25.99 -6.20
N THR B 434 -14.02 -25.52 -7.40
CA THR B 434 -13.64 -26.46 -8.46
C THR B 434 -12.35 -26.04 -9.17
N SER B 435 -11.67 -27.00 -9.79
CA SER B 435 -10.48 -26.67 -10.57
C SER B 435 -10.94 -26.39 -11.99
N LEU B 436 -10.11 -25.73 -12.78
CA LEU B 436 -10.48 -25.44 -14.17
C LEU B 436 -10.52 -26.73 -14.99
N ASP B 437 -9.63 -27.68 -14.69
CA ASP B 437 -9.63 -28.98 -15.37
C ASP B 437 -10.97 -29.67 -15.12
N GLN B 438 -11.48 -29.57 -13.89
CA GLN B 438 -12.78 -30.17 -13.53
C GLN B 438 -13.96 -29.53 -14.27
N TYR B 439 -13.88 -28.21 -14.48
CA TYR B 439 -14.86 -27.48 -15.26
C TYR B 439 -14.80 -27.97 -16.70
N VAL B 440 -13.58 -28.05 -17.24
CA VAL B 440 -13.35 -28.50 -18.63
C VAL B 440 -13.90 -29.90 -18.88
N GLU B 441 -13.70 -30.81 -17.95
CA GLU B 441 -14.18 -32.19 -18.08
C GLU B 441 -15.71 -32.27 -18.08
N ARG B 442 -16.38 -31.26 -17.51
CA ARG B 442 -17.83 -31.17 -17.45
C ARG B 442 -18.47 -30.41 -18.61
N MET B 443 -17.66 -29.68 -19.37
CA MET B 443 -18.11 -28.89 -20.53
C MET B 443 -18.92 -29.69 -21.55
N LYS B 444 -19.82 -29.02 -22.25
CA LYS B 444 -20.63 -29.70 -23.27
C LYS B 444 -19.79 -29.98 -24.52
N GLU B 445 -20.21 -30.99 -25.28
CA GLU B 445 -19.53 -31.45 -26.50
C GLU B 445 -18.97 -30.33 -27.36
N LYS B 446 -19.83 -29.39 -27.76
CA LYS B 446 -19.39 -28.28 -28.61
C LYS B 446 -19.45 -26.93 -27.92
N GLN B 447 -18.98 -26.90 -26.67
CA GLN B 447 -18.89 -25.69 -25.86
C GLN B 447 -17.42 -25.29 -25.95
N ASP B 448 -17.15 -24.06 -26.34
CA ASP B 448 -15.77 -23.60 -26.53
C ASP B 448 -15.31 -22.61 -25.48
N LYS B 449 -16.24 -22.05 -24.72
CA LYS B 449 -15.92 -21.05 -23.71
C LYS B 449 -16.19 -21.46 -22.28
N ILE B 450 -15.39 -20.89 -21.38
CA ILE B 450 -15.51 -21.08 -19.94
C ILE B 450 -16.20 -19.79 -19.48
N TYR B 451 -17.45 -19.92 -19.06
CA TYR B 451 -18.27 -18.78 -18.67
C TYR B 451 -18.04 -18.38 -17.24
N PHE B 452 -17.90 -17.08 -17.02
CA PHE B 452 -17.72 -16.61 -15.66
C PHE B 452 -18.62 -15.42 -15.31
N MET B 453 -19.08 -15.39 -14.06
CA MET B 453 -19.85 -14.24 -13.57
C MET B 453 -19.05 -13.68 -12.41
N ALA B 454 -18.82 -12.38 -12.42
CA ALA B 454 -18.04 -11.77 -11.35
C ALA B 454 -18.95 -10.96 -10.44
N GLY B 455 -18.79 -11.14 -9.13
CA GLY B 455 -19.63 -10.39 -8.17
C GLY B 455 -18.92 -10.01 -6.88
N SER B 456 -19.57 -9.16 -6.09
CA SER B 456 -19.04 -8.77 -4.77
C SER B 456 -19.24 -9.94 -3.79
N SER B 457 -20.17 -10.83 -4.13
CA SER B 457 -20.44 -12.01 -3.32
C SER B 457 -20.99 -13.10 -4.21
N ARG B 458 -21.08 -14.30 -3.67
CA ARG B 458 -21.61 -15.44 -4.41
C ARG B 458 -23.07 -15.22 -4.77
N LYS B 459 -23.85 -14.75 -3.78
CA LYS B 459 -25.30 -14.56 -3.93
C LYS B 459 -25.64 -13.57 -5.03
N GLU B 460 -24.83 -12.54 -5.24
CA GLU B 460 -25.23 -11.62 -6.29
C GLU B 460 -24.87 -12.21 -7.64
N ALA B 461 -23.79 -12.98 -7.65
CA ALA B 461 -23.33 -13.61 -8.85
C ALA B 461 -24.31 -14.68 -9.29
N GLU B 462 -24.75 -15.54 -8.38
CA GLU B 462 -25.64 -16.66 -8.75
C GLU B 462 -27.09 -16.24 -9.07
N SER B 463 -27.48 -15.02 -8.69
CA SER B 463 -28.84 -14.53 -8.96
C SER B 463 -28.81 -13.40 -9.99
N SER B 464 -27.82 -13.49 -10.87
CA SER B 464 -27.64 -12.49 -11.90
C SER B 464 -28.56 -12.84 -13.05
N PRO B 465 -29.13 -11.83 -13.74
CA PRO B 465 -29.98 -12.22 -14.87
C PRO B 465 -29.15 -12.92 -15.95
N PHE B 466 -27.90 -12.50 -16.07
CA PHE B 466 -26.95 -12.96 -17.06
C PHE B 466 -26.75 -14.46 -17.24
N VAL B 467 -26.89 -15.22 -16.16
CA VAL B 467 -26.68 -16.67 -16.16
C VAL B 467 -27.96 -17.49 -16.24
N GLU B 468 -29.10 -16.81 -16.34
CA GLU B 468 -30.39 -17.52 -16.35
C GLU B 468 -30.52 -18.65 -17.37
N ARG B 469 -30.29 -18.36 -18.65
CA ARG B 469 -30.45 -19.40 -19.67
C ARG B 469 -29.29 -20.38 -19.75
N LEU B 470 -28.08 -19.91 -19.46
CA LEU B 470 -26.90 -20.78 -19.43
C LEU B 470 -27.09 -21.90 -18.42
N LEU B 471 -27.58 -21.54 -17.23
CA LEU B 471 -27.88 -22.50 -16.18
C LEU B 471 -28.98 -23.45 -16.63
N LYS B 472 -30.06 -22.92 -17.18
CA LYS B 472 -31.19 -23.75 -17.61
C LYS B 472 -30.82 -24.78 -18.67
N LYS B 473 -29.94 -24.37 -19.59
CA LYS B 473 -29.48 -25.25 -20.69
C LYS B 473 -28.34 -26.20 -20.30
N GLY B 474 -27.87 -26.10 -19.06
CA GLY B 474 -26.82 -27.01 -18.58
C GLY B 474 -25.39 -26.53 -18.66
N TYR B 475 -25.18 -25.23 -18.86
CA TYR B 475 -23.83 -24.70 -18.88
C TYR B 475 -23.42 -24.31 -17.46
N GLU B 476 -22.16 -24.57 -17.12
CA GLU B 476 -21.63 -24.22 -15.80
C GLU B 476 -21.03 -22.83 -15.90
N VAL B 477 -21.18 -22.05 -14.83
CA VAL B 477 -20.65 -20.71 -14.73
C VAL B 477 -19.77 -20.62 -13.50
N ILE B 478 -18.53 -20.18 -13.69
CA ILE B 478 -17.61 -19.97 -12.58
C ILE B 478 -18.02 -18.65 -11.90
N TYR B 479 -18.01 -18.59 -10.58
CA TYR B 479 -18.32 -17.32 -9.92
C TYR B 479 -17.05 -16.69 -9.32
N LEU B 480 -16.82 -15.44 -9.64
CA LEU B 480 -15.65 -14.73 -9.16
C LEU B 480 -16.09 -13.72 -8.11
N THR B 481 -15.80 -14.03 -6.85
CA THR B 481 -16.25 -13.19 -5.75
C THR B 481 -15.17 -12.34 -5.11
N GLU B 482 -13.96 -12.30 -5.68
CA GLU B 482 -12.87 -11.54 -5.06
C GLU B 482 -12.23 -10.55 -6.02
N PRO B 483 -11.67 -9.44 -5.50
CA PRO B 483 -11.16 -8.38 -6.40
C PRO B 483 -10.11 -8.86 -7.39
N VAL B 484 -9.14 -9.62 -6.87
CA VAL B 484 -8.06 -10.19 -7.67
C VAL B 484 -8.53 -11.11 -8.80
N ASP B 485 -9.70 -11.76 -8.63
CA ASP B 485 -10.25 -12.72 -9.60
C ASP B 485 -10.36 -12.19 -11.02
N GLU B 486 -10.91 -10.99 -11.13
CA GLU B 486 -11.11 -10.37 -12.42
C GLU B 486 -9.77 -10.29 -13.11
N TYR B 487 -8.78 -9.77 -12.39
CA TYR B 487 -7.41 -9.58 -12.87
C TYR B 487 -6.74 -10.90 -13.20
N CYS B 488 -6.91 -11.87 -12.31
CA CYS B 488 -6.36 -13.20 -12.45
C CYS B 488 -6.76 -13.85 -13.78
N ILE B 489 -8.07 -13.92 -14.03
CA ILE B 489 -8.63 -14.47 -15.26
C ILE B 489 -8.18 -13.67 -16.48
N GLN B 490 -8.07 -12.35 -16.32
CA GLN B 490 -7.66 -11.48 -17.41
C GLN B 490 -6.23 -11.76 -17.89
N ALA B 491 -5.37 -12.18 -16.96
CA ALA B 491 -3.98 -12.50 -17.28
C ALA B 491 -3.87 -13.90 -17.88
N LEU B 492 -5.01 -14.57 -18.01
CA LEU B 492 -5.07 -15.91 -18.54
C LEU B 492 -5.85 -15.87 -19.86
N PRO B 493 -5.12 -15.78 -20.99
CA PRO B 493 -5.80 -15.69 -22.28
C PRO B 493 -6.52 -16.97 -22.69
N GLU B 494 -6.17 -18.08 -22.05
CA GLU B 494 -6.82 -19.36 -22.34
C GLU B 494 -6.43 -20.43 -21.34
N PHE B 495 -7.32 -21.39 -21.15
CA PHE B 495 -7.03 -22.57 -20.36
C PHE B 495 -7.38 -23.77 -21.21
N ASP B 496 -6.41 -24.65 -21.43
CA ASP B 496 -6.58 -25.88 -22.21
C ASP B 496 -7.33 -25.68 -23.54
N GLY B 497 -6.96 -24.64 -24.29
CA GLY B 497 -7.57 -24.35 -25.59
C GLY B 497 -8.90 -23.59 -25.57
N LYS B 498 -9.39 -23.29 -24.37
CA LYS B 498 -10.66 -22.57 -24.19
C LYS B 498 -10.45 -21.14 -23.75
N ARG B 499 -11.28 -20.24 -24.27
CA ARG B 499 -11.23 -18.83 -23.90
C ARG B 499 -12.27 -18.57 -22.82
N PHE B 500 -12.03 -17.58 -21.98
CA PHE B 500 -13.00 -17.22 -20.94
C PHE B 500 -14.01 -16.24 -21.51
N GLN B 501 -15.27 -16.39 -21.08
CA GLN B 501 -16.35 -15.50 -21.51
C GLN B 501 -17.10 -14.88 -20.31
N ASN B 502 -17.03 -13.55 -20.19
CA ASN B 502 -17.77 -12.86 -19.15
C ASN B 502 -19.24 -12.82 -19.56
N VAL B 503 -20.12 -13.39 -18.73
CA VAL B 503 -21.56 -13.43 -19.04
C VAL B 503 -22.23 -12.05 -19.05
N ALA B 504 -21.59 -11.09 -18.40
CA ALA B 504 -22.08 -9.72 -18.33
C ALA B 504 -21.74 -8.96 -19.60
N LYS B 505 -20.91 -9.58 -20.45
CA LYS B 505 -20.48 -9.00 -21.71
C LYS B 505 -21.03 -9.73 -22.92
N GLU B 506 -21.16 -8.99 -24.02
CA GLU B 506 -21.62 -9.51 -25.32
C GLU B 506 -20.67 -10.61 -25.79
N GLY B 507 -21.24 -11.71 -26.28
CA GLY B 507 -20.43 -12.83 -26.76
C GLY B 507 -20.80 -14.20 -26.25
N VAL B 508 -21.88 -14.30 -25.48
CA VAL B 508 -22.35 -15.60 -24.97
C VAL B 508 -22.98 -16.37 -26.12
N LYS B 509 -22.54 -17.61 -26.30
CA LYS B 509 -23.00 -18.43 -27.43
C LYS B 509 -24.03 -19.53 -27.14
N PHE B 510 -25.03 -19.61 -28.02
CA PHE B 510 -26.05 -20.64 -27.98
C PHE B 510 -26.24 -21.16 -29.40
N ASP B 511 -25.93 -22.43 -29.65
CA ASP B 511 -26.12 -23.01 -30.98
C ASP B 511 -27.60 -23.28 -31.27
N GLU B 512 -27.93 -23.33 -32.55
CA GLU B 512 -29.34 -23.52 -32.97
C GLU B 512 -29.47 -24.16 -34.35
N SER B 513 -30.59 -24.86 -34.56
CA SER B 513 -30.88 -25.49 -35.84
C SER B 513 -31.57 -24.46 -36.74
N GLU B 514 -31.78 -24.82 -38.00
CA GLU B 514 -32.45 -23.93 -38.96
C GLU B 514 -33.86 -23.55 -38.52
N LYS B 515 -34.52 -24.46 -37.80
CA LYS B 515 -35.88 -24.23 -37.30
C LYS B 515 -35.88 -23.30 -36.09
N THR B 516 -34.76 -23.24 -35.39
CA THR B 516 -34.63 -22.37 -34.21
C THR B 516 -34.11 -20.99 -34.63
N LYS B 517 -33.18 -20.98 -35.60
CA LYS B 517 -32.59 -19.74 -36.12
C LYS B 517 -33.64 -18.88 -36.82
N GLU B 518 -34.54 -19.51 -37.58
CA GLU B 518 -35.60 -18.79 -38.27
C GLU B 518 -36.72 -18.38 -37.31
N SER B 519 -36.92 -19.17 -36.25
CA SER B 519 -37.93 -18.85 -35.24
C SER B 519 -37.49 -17.65 -34.42
N ARG B 520 -36.18 -17.53 -34.24
CA ARG B 520 -35.58 -16.42 -33.52
C ARG B 520 -35.70 -15.17 -34.37
N GLU B 521 -35.41 -15.32 -35.66
CA GLU B 521 -35.45 -14.24 -36.65
C GLU B 521 -36.88 -13.73 -36.90
N ALA B 522 -37.87 -14.53 -36.51
CA ALA B 522 -39.28 -14.17 -36.65
C ALA B 522 -39.74 -13.35 -35.45
N ILE B 523 -39.39 -13.83 -34.26
CA ILE B 523 -39.73 -13.15 -33.00
C ILE B 523 -38.94 -11.84 -32.87
N GLU B 524 -37.74 -11.84 -33.45
CA GLU B 524 -36.86 -10.68 -33.42
C GLU B 524 -37.46 -9.55 -34.23
N LYS B 525 -38.08 -9.90 -35.35
CA LYS B 525 -38.70 -8.91 -36.22
C LYS B 525 -40.10 -8.55 -35.73
N GLU B 526 -40.63 -9.37 -34.82
CA GLU B 526 -41.93 -9.14 -34.21
C GLU B 526 -41.82 -8.05 -33.15
N PHE B 527 -40.74 -8.09 -32.37
CA PHE B 527 -40.48 -7.11 -31.31
C PHE B 527 -39.74 -5.86 -31.74
N GLU B 528 -39.29 -5.83 -32.99
CA GLU B 528 -38.50 -4.71 -33.52
C GLU B 528 -39.16 -3.31 -33.40
N PRO B 529 -40.51 -3.21 -33.51
CA PRO B 529 -41.10 -1.90 -33.23
C PRO B 529 -40.75 -1.39 -31.82
N LEU B 530 -40.79 -2.29 -30.84
CA LEU B 530 -40.44 -1.96 -29.45
C LEU B 530 -38.94 -1.64 -29.34
N LEU B 531 -38.13 -2.36 -30.12
CA LEU B 531 -36.68 -2.14 -30.16
C LEU B 531 -36.30 -0.73 -30.60
N ASN B 532 -37.03 -0.19 -31.58
CA ASN B 532 -36.78 1.16 -32.05
C ASN B 532 -37.44 2.20 -31.15
N TRP B 533 -38.56 1.85 -30.54
CA TRP B 533 -39.26 2.75 -29.63
C TRP B 533 -38.42 2.98 -28.38
N MET B 534 -37.77 1.93 -27.89
CA MET B 534 -36.90 2.07 -26.72
C MET B 534 -35.62 2.81 -27.09
N LYS B 535 -35.12 2.59 -28.30
CA LYS B 535 -33.91 3.25 -28.78
C LYS B 535 -34.11 4.73 -29.17
N ASP B 536 -35.25 5.06 -29.76
CA ASP B 536 -35.50 6.43 -30.22
C ASP B 536 -36.47 7.28 -29.40
N LYS B 537 -37.30 6.65 -28.57
CA LYS B 537 -38.28 7.39 -27.77
C LYS B 537 -38.07 7.28 -26.25
N ALA B 538 -38.40 6.11 -25.71
CA ALA B 538 -38.36 5.85 -24.26
C ALA B 538 -37.01 6.04 -23.57
N LEU B 539 -35.97 5.40 -24.11
CA LEU B 539 -34.64 5.47 -23.53
C LEU B 539 -33.68 5.96 -24.60
N LYS B 540 -33.98 7.13 -25.18
CA LYS B 540 -33.21 7.70 -26.30
C LYS B 540 -31.70 7.80 -26.12
N ASP B 541 -31.23 8.49 -25.08
CA ASP B 541 -29.79 8.62 -24.84
C ASP B 541 -29.30 7.86 -23.61
N LYS B 542 -29.97 6.75 -23.29
CA LYS B 542 -29.58 5.96 -22.13
C LYS B 542 -29.05 4.58 -22.49
N ILE B 543 -29.36 4.12 -23.70
CA ILE B 543 -28.94 2.81 -24.20
C ILE B 543 -28.21 2.90 -25.54
N GLU B 544 -27.33 1.94 -25.81
CA GLU B 544 -26.60 1.91 -27.08
C GLU B 544 -27.52 1.33 -28.15
N LYS B 545 -28.19 0.24 -27.80
CA LYS B 545 -29.11 -0.47 -28.66
C LYS B 545 -30.02 -1.38 -27.84
N ALA B 546 -31.24 -1.59 -28.32
CA ALA B 546 -32.16 -2.50 -27.66
C ALA B 546 -32.31 -3.72 -28.55
N VAL B 547 -32.01 -4.90 -28.01
CA VAL B 547 -32.11 -6.13 -28.78
C VAL B 547 -32.88 -7.22 -28.02
N VAL B 548 -33.23 -8.29 -28.72
CA VAL B 548 -33.95 -9.40 -28.10
C VAL B 548 -32.92 -10.37 -27.52
N SER B 549 -33.02 -10.60 -26.22
CA SER B 549 -32.07 -11.46 -25.51
C SER B 549 -32.31 -12.95 -25.75
N GLN B 550 -31.23 -13.71 -25.60
CA GLN B 550 -31.25 -15.16 -25.69
C GLN B 550 -30.63 -15.74 -24.42
N ARG B 551 -30.49 -14.90 -23.40
CA ARG B 551 -29.84 -15.33 -22.17
C ARG B 551 -30.71 -15.25 -20.90
N LEU B 552 -31.92 -14.74 -21.03
CA LEU B 552 -32.81 -14.57 -19.88
C LEU B 552 -33.88 -15.66 -19.86
N THR B 553 -34.41 -15.93 -18.67
CA THR B 553 -35.50 -16.89 -18.50
C THR B 553 -36.59 -16.19 -17.66
N GLU B 554 -36.27 -15.89 -16.41
CA GLU B 554 -37.19 -15.20 -15.52
C GLU B 554 -37.13 -13.68 -15.67
N SER B 555 -35.93 -13.15 -15.86
CA SER B 555 -35.75 -11.70 -15.94
C SER B 555 -36.24 -11.08 -17.23
N PRO B 556 -36.98 -9.96 -17.12
CA PRO B 556 -37.53 -9.19 -18.23
C PRO B 556 -36.49 -8.51 -19.10
N CYS B 557 -35.41 -8.03 -18.48
CA CYS B 557 -34.35 -7.34 -19.20
C CYS B 557 -33.04 -7.31 -18.43
N ALA B 558 -31.97 -6.89 -19.10
CA ALA B 558 -30.63 -6.81 -18.49
C ALA B 558 -29.74 -5.90 -19.32
N LEU B 559 -28.76 -5.27 -18.66
CA LEU B 559 -27.81 -4.41 -19.36
C LEU B 559 -26.53 -5.17 -19.67
N VAL B 560 -26.21 -5.28 -20.95
CA VAL B 560 -25.03 -6.03 -21.38
C VAL B 560 -23.91 -5.09 -21.85
N ALA B 561 -22.69 -5.38 -21.39
CA ALA B 561 -21.53 -4.56 -21.73
C ALA B 561 -20.83 -5.00 -23.01
N SER B 562 -20.14 -4.06 -23.64
CA SER B 562 -19.35 -4.30 -24.84
C SER B 562 -18.14 -5.16 -24.52
N GLN B 563 -17.60 -5.86 -25.51
CA GLN B 563 -16.41 -6.70 -25.30
C GLN B 563 -15.20 -5.87 -24.86
N TYR B 564 -15.08 -4.65 -25.41
CA TYR B 564 -14.01 -3.74 -25.04
C TYR B 564 -14.49 -2.70 -24.02
N GLY B 565 -15.59 -3.01 -23.32
CA GLY B 565 -16.15 -2.10 -22.34
C GLY B 565 -16.04 -2.63 -20.93
N TRP B 566 -16.51 -1.84 -19.96
CA TRP B 566 -16.51 -2.26 -18.55
C TRP B 566 -17.85 -2.83 -18.11
N SER B 567 -17.77 -3.85 -17.26
CA SER B 567 -18.95 -4.50 -16.70
C SER B 567 -19.34 -3.81 -15.39
N GLY B 568 -20.34 -4.36 -14.72
CA GLY B 568 -20.79 -3.80 -13.45
C GLY B 568 -19.74 -3.95 -12.37
N ASN B 569 -19.17 -5.15 -12.28
CA ASN B 569 -18.13 -5.46 -11.30
C ASN B 569 -16.87 -4.64 -11.53
N MET B 570 -16.52 -4.43 -12.79
CA MET B 570 -15.33 -3.63 -13.10
C MET B 570 -15.63 -2.16 -12.97
N GLU B 571 -16.90 -1.78 -13.07
CA GLU B 571 -17.29 -0.40 -12.85
C GLU B 571 -16.95 -0.11 -11.40
N ARG B 572 -17.27 -1.05 -10.52
CA ARG B 572 -16.95 -0.97 -9.09
C ARG B 572 -15.45 -0.90 -8.88
N ILE B 573 -14.79 -2.04 -9.06
CA ILE B 573 -13.34 -2.15 -8.92
C ILE B 573 -12.59 -0.89 -9.38
N MET B 574 -12.97 -0.32 -10.51
CA MET B 574 -12.37 0.92 -11.01
C MET B 574 -12.90 2.15 -10.26
N LYS B 575 -14.22 2.39 -10.33
CA LYS B 575 -14.84 3.57 -9.71
C LYS B 575 -14.93 3.56 -8.18
N ALA B 576 -14.54 2.46 -7.56
CA ALA B 576 -14.47 2.38 -6.10
C ALA B 576 -12.97 2.39 -5.77
N GLN B 577 -12.25 3.14 -6.58
CA GLN B 577 -10.81 3.36 -6.43
C GLN B 577 -10.52 4.73 -7.07
N ALA B 578 -11.50 5.23 -7.81
CA ALA B 578 -11.43 6.57 -8.38
C ALA B 578 -12.05 7.46 -7.31
N TYR B 579 -13.01 6.88 -6.59
CA TYR B 579 -13.66 7.55 -5.48
C TYR B 579 -12.81 7.38 -4.21
N GLN B 580 -12.24 6.19 -4.06
CA GLN B 580 -11.38 5.85 -2.92
C GLN B 580 -10.02 6.54 -3.01
N THR B 581 -9.36 6.42 -4.17
CA THR B 581 -8.03 7.03 -4.35
C THR B 581 -8.02 8.07 -5.49
N GLY B 582 -8.18 7.59 -6.71
CA GLY B 582 -8.13 8.40 -7.96
C GLY B 582 -8.65 9.84 -8.00
N LYS B 583 -9.95 9.99 -8.26
CA LYS B 583 -10.65 11.29 -8.39
C LYS B 583 -10.57 11.89 -9.80
N ASP B 584 -11.56 12.74 -10.13
CA ASP B 584 -11.70 13.39 -11.44
C ASP B 584 -11.85 12.41 -12.60
N ILE B 585 -12.46 11.25 -12.32
CA ILE B 585 -12.66 10.21 -13.33
C ILE B 585 -14.11 10.17 -13.83
N SER B 586 -14.73 11.34 -13.94
CA SER B 586 -16.09 11.46 -14.47
C SER B 586 -16.00 11.26 -15.98
N THR B 587 -14.98 11.90 -16.57
CA THR B 587 -14.69 11.79 -17.99
C THR B 587 -13.61 10.70 -18.11
N ASN B 588 -13.98 9.47 -17.76
CA ASN B 588 -13.06 8.33 -17.80
C ASN B 588 -12.98 7.69 -19.18
N TYR B 589 -12.36 6.52 -19.25
CA TYR B 589 -12.22 5.78 -20.51
C TYR B 589 -13.61 5.44 -21.05
N TYR B 590 -14.28 4.54 -20.34
CA TYR B 590 -15.63 4.14 -20.69
C TYR B 590 -16.47 3.79 -19.45
N ALA B 591 -16.81 4.85 -18.69
CA ALA B 591 -17.60 4.75 -17.48
C ALA B 591 -19.03 5.24 -17.79
N SER B 592 -19.12 6.37 -18.49
CA SER B 592 -20.41 6.91 -18.88
C SER B 592 -20.78 6.35 -20.26
N GLN B 593 -20.37 5.10 -20.51
CA GLN B 593 -20.69 4.46 -21.79
C GLN B 593 -22.02 3.72 -21.70
N LYS B 594 -22.82 3.85 -22.75
CA LYS B 594 -24.12 3.22 -22.84
C LYS B 594 -23.96 1.72 -23.05
N LYS B 595 -24.92 0.94 -22.58
CA LYS B 595 -24.85 -0.51 -22.70
C LYS B 595 -25.93 -1.04 -23.63
N THR B 596 -25.84 -2.34 -23.92
CA THR B 596 -26.83 -3.01 -24.77
C THR B 596 -27.97 -3.44 -23.86
N PHE B 597 -29.17 -2.98 -24.18
CA PHE B 597 -30.36 -3.31 -23.40
C PHE B 597 -31.07 -4.50 -24.03
N GLU B 598 -30.88 -5.67 -23.44
CA GLU B 598 -31.51 -6.89 -23.96
C GLU B 598 -32.84 -7.15 -23.28
N ILE B 599 -33.84 -7.57 -24.06
CA ILE B 599 -35.19 -7.85 -23.52
C ILE B 599 -35.64 -9.31 -23.69
N ASN B 600 -36.46 -9.78 -22.75
CA ASN B 600 -36.97 -11.15 -22.77
C ASN B 600 -38.33 -11.20 -23.46
N PRO B 601 -38.39 -11.80 -24.66
CA PRO B 601 -39.62 -11.86 -25.46
C PRO B 601 -40.73 -12.73 -24.85
N ARG B 602 -40.37 -13.69 -24.00
CA ARG B 602 -41.34 -14.57 -23.37
C ARG B 602 -41.91 -13.99 -22.07
N HIS B 603 -41.43 -12.80 -21.70
CA HIS B 603 -41.83 -12.19 -20.44
C HIS B 603 -43.08 -11.33 -20.54
N PRO B 604 -44.10 -11.65 -19.73
CA PRO B 604 -45.38 -10.95 -19.61
C PRO B 604 -45.27 -9.43 -19.75
N LEU B 605 -44.35 -8.81 -19.02
CA LEU B 605 -44.19 -7.36 -19.07
C LEU B 605 -43.65 -6.85 -20.40
N ILE B 606 -42.88 -7.67 -21.10
CA ILE B 606 -42.32 -7.30 -22.39
C ILE B 606 -43.35 -7.55 -23.50
N LYS B 607 -44.17 -8.58 -23.31
CA LYS B 607 -45.26 -8.89 -24.25
C LYS B 607 -46.34 -7.80 -24.19
N ASP B 608 -46.76 -7.45 -22.97
CA ASP B 608 -47.79 -6.44 -22.77
C ASP B 608 -47.25 -5.03 -23.05
N MET B 609 -45.93 -4.88 -23.11
CA MET B 609 -45.33 -3.60 -23.45
C MET B 609 -45.36 -3.47 -24.98
N LEU B 610 -45.15 -4.59 -25.67
CA LEU B 610 -45.23 -4.63 -27.13
C LEU B 610 -46.68 -4.43 -27.53
N ARG B 611 -47.57 -5.06 -26.77
CA ARG B 611 -49.01 -4.96 -27.00
C ARG B 611 -49.45 -3.51 -26.89
N ARG B 612 -49.03 -2.83 -25.84
CA ARG B 612 -49.45 -1.44 -25.64
C ARG B 612 -48.57 -0.40 -26.37
N VAL B 613 -47.49 -0.82 -27.02
CA VAL B 613 -46.63 0.13 -27.73
C VAL B 613 -47.22 0.50 -29.11
N LYS B 614 -48.12 -0.35 -29.59
CA LYS B 614 -48.76 -0.12 -30.89
C LYS B 614 -50.11 0.56 -30.73
N GLU B 615 -50.67 0.52 -29.52
CA GLU B 615 -51.97 1.14 -29.26
C GLU B 615 -51.93 2.67 -29.23
N ASP B 616 -50.97 3.24 -28.50
CA ASP B 616 -50.86 4.69 -28.40
C ASP B 616 -49.44 5.19 -28.66
N GLU B 617 -48.46 4.62 -27.96
CA GLU B 617 -47.04 4.98 -28.06
C GLU B 617 -46.72 6.30 -27.33
N ASP B 618 -47.60 7.29 -27.48
CA ASP B 618 -47.47 8.59 -26.83
C ASP B 618 -47.85 8.48 -25.35
N ASP B 619 -48.28 7.28 -24.94
CA ASP B 619 -48.70 6.98 -23.58
C ASP B 619 -47.54 7.13 -22.58
N LYS B 620 -47.80 7.86 -21.49
CA LYS B 620 -46.77 8.07 -20.47
C LYS B 620 -46.71 6.90 -19.46
N THR B 621 -47.69 6.00 -19.52
CA THR B 621 -47.71 4.84 -18.63
C THR B 621 -46.67 3.81 -19.07
N VAL B 622 -46.60 3.54 -20.38
CA VAL B 622 -45.59 2.62 -20.92
C VAL B 622 -44.22 3.30 -20.95
N SER B 623 -44.24 4.64 -21.04
CA SER B 623 -43.02 5.43 -20.98
C SER B 623 -42.40 5.17 -19.62
N ASP B 624 -43.20 5.38 -18.57
CA ASP B 624 -42.76 5.10 -17.20
C ASP B 624 -42.40 3.62 -17.05
N LEU B 625 -43.26 2.72 -17.51
CA LEU B 625 -43.00 1.27 -17.38
C LEU B 625 -41.61 0.87 -17.87
N ALA B 626 -41.23 1.34 -19.06
CA ALA B 626 -39.93 1.02 -19.66
C ALA B 626 -38.73 1.61 -18.93
N VAL B 627 -38.83 2.86 -18.47
CA VAL B 627 -37.73 3.49 -17.73
C VAL B 627 -37.54 2.84 -16.36
N VAL B 628 -38.65 2.63 -15.66
CA VAL B 628 -38.67 2.00 -14.34
C VAL B 628 -38.04 0.60 -14.44
N LEU B 629 -38.29 -0.05 -15.57
CA LEU B 629 -37.79 -1.39 -15.82
C LEU B 629 -36.30 -1.35 -16.19
N PHE B 630 -35.90 -0.26 -16.86
CA PHE B 630 -34.51 -0.04 -17.27
C PHE B 630 -33.65 0.32 -16.07
N GLU B 631 -34.24 1.08 -15.15
CA GLU B 631 -33.56 1.50 -13.93
C GLU B 631 -33.46 0.36 -12.92
N THR B 632 -34.36 -0.62 -13.03
CA THR B 632 -34.36 -1.80 -12.16
C THR B 632 -33.41 -2.83 -12.75
N ALA B 633 -33.32 -2.84 -14.08
CA ALA B 633 -32.38 -3.72 -14.78
C ALA B 633 -30.94 -3.32 -14.46
N THR B 634 -30.70 -2.02 -14.27
CA THR B 634 -29.38 -1.47 -13.94
C THR B 634 -28.81 -1.99 -12.61
N LEU B 635 -29.57 -1.80 -11.54
CA LEU B 635 -29.21 -2.30 -10.24
C LEU B 635 -29.02 -3.81 -10.36
N ARG B 636 -29.95 -4.43 -11.07
CA ARG B 636 -29.95 -5.86 -11.27
C ARG B 636 -28.72 -6.30 -12.08
N SER B 637 -28.16 -5.39 -12.88
CA SER B 637 -27.03 -5.71 -13.75
C SER B 637 -25.63 -5.39 -13.18
N GLY B 638 -25.59 -4.87 -11.95
CA GLY B 638 -24.32 -4.57 -11.31
C GLY B 638 -23.83 -3.15 -11.46
N TYR B 639 -24.58 -2.32 -12.20
CA TYR B 639 -24.22 -0.90 -12.37
C TYR B 639 -24.88 -0.13 -11.25
N LEU B 640 -24.82 1.19 -11.34
CA LEU B 640 -25.36 2.04 -10.32
C LEU B 640 -26.41 2.95 -10.94
N LEU B 641 -27.31 3.44 -10.10
CA LEU B 641 -28.37 4.21 -10.60
C LEU B 641 -27.92 5.67 -10.83
N PRO B 642 -28.09 6.19 -12.07
CA PRO B 642 -27.68 7.58 -12.26
C PRO B 642 -28.32 8.39 -11.16
N ASP B 643 -29.62 8.63 -11.32
CA ASP B 643 -30.38 9.42 -10.38
C ASP B 643 -31.41 8.51 -9.67
N THR B 644 -31.13 8.31 -8.40
CA THR B 644 -31.90 7.54 -7.44
C THR B 644 -33.23 8.23 -7.08
N LYS B 645 -33.22 9.57 -7.10
CA LYS B 645 -34.39 10.34 -6.73
C LYS B 645 -35.46 10.19 -7.80
N ALA B 646 -35.05 10.43 -9.05
CA ALA B 646 -35.92 10.32 -10.21
C ALA B 646 -36.46 8.89 -10.27
N TYR B 647 -35.64 7.94 -9.89
CA TYR B 647 -36.09 6.56 -9.85
C TYR B 647 -37.19 6.39 -8.80
N GLY B 648 -37.00 7.03 -7.65
CA GLY B 648 -37.95 6.95 -6.55
C GLY B 648 -39.26 7.56 -6.94
N ASP B 649 -39.19 8.74 -7.56
CA ASP B 649 -40.35 9.47 -8.05
C ASP B 649 -41.17 8.66 -9.05
N ARG B 650 -40.49 7.91 -9.91
CA ARG B 650 -41.19 7.02 -10.85
C ARG B 650 -41.96 5.93 -10.13
N ILE B 651 -41.24 5.20 -9.28
CA ILE B 651 -41.79 4.11 -8.47
C ILE B 651 -43.08 4.46 -7.73
N GLU B 652 -43.13 5.66 -7.14
CA GLU B 652 -44.26 6.08 -6.34
C GLU B 652 -45.46 6.51 -7.17
N ARG B 653 -45.23 6.88 -8.43
CA ARG B 653 -46.34 7.23 -9.33
C ARG B 653 -47.02 5.93 -9.73
N MET B 654 -46.24 4.87 -9.82
CA MET B 654 -46.77 3.54 -10.09
C MET B 654 -47.51 3.04 -8.85
N LEU B 655 -46.96 3.35 -7.66
CA LEU B 655 -47.58 2.97 -6.39
C LEU B 655 -48.91 3.69 -6.18
N ARG B 656 -49.11 4.78 -6.90
CA ARG B 656 -50.33 5.57 -6.83
C ARG B 656 -51.43 4.83 -7.59
N LEU B 657 -51.05 4.30 -8.75
CA LEU B 657 -51.95 3.52 -9.60
C LEU B 657 -52.42 2.26 -8.88
N SER B 658 -51.47 1.56 -8.25
CA SER B 658 -51.75 0.31 -7.55
C SER B 658 -52.54 0.42 -6.24
N LEU B 659 -52.94 1.64 -5.86
CA LEU B 659 -53.67 1.84 -4.61
C LEU B 659 -54.95 2.66 -4.76
N ASN B 660 -54.80 3.93 -5.14
CA ASN B 660 -55.94 4.83 -5.33
C ASN B 660 -56.73 4.51 -6.60
N ILE B 661 -56.25 3.53 -7.37
CA ILE B 661 -56.92 3.12 -8.60
C ILE B 661 -56.85 1.60 -8.81
MG MG C . 23.69 14.76 -11.27
MG MG D . -39.84 -12.54 -11.53
PG ANP E . 20.69 14.16 -11.10
O1G ANP E . 21.60 14.21 -12.28
O2G ANP E . 20.83 15.36 -10.19
O3G ANP E . 19.26 13.85 -11.49
PB ANP E . 22.87 12.26 -10.28
O1B ANP E . 23.09 11.03 -9.43
O2B ANP E . 23.75 13.45 -10.08
N3B ANP E . 21.21 12.79 -10.13
PA ANP E . 24.23 12.07 -12.81
O1A ANP E . 24.48 13.56 -12.89
O2A ANP E . 23.92 11.30 -14.07
O3A ANP E . 23.00 11.76 -11.80
O5' ANP E . 25.45 11.29 -12.09
C5' ANP E . 25.28 9.89 -11.94
C4' ANP E . 26.33 9.28 -11.01
O4' ANP E . 27.65 9.46 -11.52
C3' ANP E . 26.32 9.91 -9.62
O3' ANP E . 25.42 9.20 -8.76
C2' ANP E . 27.77 9.77 -9.18
O2' ANP E . 27.98 8.58 -8.43
C1' ANP E . 28.59 9.68 -10.47
N9 ANP E . 29.25 10.99 -10.65
C8 ANP E . 28.94 11.91 -11.57
N7 ANP E . 29.74 12.99 -11.46
C5 ANP E . 30.59 12.78 -10.44
C6 ANP E . 31.69 13.52 -9.78
N6 ANP E . 32.05 14.76 -10.21
N1 ANP E . 32.31 12.93 -8.75
C2 ANP E . 31.97 11.70 -8.30
N3 ANP E . 30.99 10.97 -8.85
C4 ANP E . 30.27 11.45 -9.90
MG MG F . 19.34 -16.62 21.66
MG MG G . -42.54 13.61 -6.25
MG MG H . -14.33 -40.37 2.72
PG ANP I . 17.17 -14.44 19.34
O1G ANP I . 18.22 -15.21 20.12
O2G ANP I . 16.58 -15.23 18.19
O3G ANP I . 16.15 -13.75 20.21
PB ANP I . 19.37 -12.44 19.47
O1B ANP I . 19.73 -11.12 18.83
O2B ANP I . 20.43 -13.49 19.56
N3B ANP I . 18.04 -13.14 18.58
PA ANP I . 19.55 -12.57 22.31
O1A ANP I . 19.69 -14.08 22.37
O2A ANP I . 18.87 -11.84 23.43
O3A ANP I . 18.80 -12.14 20.94
O5' ANP I . 21.00 -11.91 22.09
C5' ANP I . 21.12 -10.48 22.11
C4' ANP I . 22.43 -10.03 21.51
O4' ANP I . 23.52 -10.42 22.36
C3' ANP I . 22.70 -10.67 20.15
O3' ANP I . 22.24 -9.81 19.10
C2' ANP I . 24.20 -10.87 20.11
O2' ANP I . 24.83 -9.82 19.36
C1' ANP I . 24.66 -10.78 21.57
N9 ANP I . 25.18 -12.10 22.00
C8 ANP I . 24.55 -12.96 22.81
N7 ANP I . 25.30 -14.07 23.02
C5 ANP I . 26.45 -13.93 22.33
C6 ANP I . 27.67 -14.73 22.11
N6 ANP I . 27.83 -15.93 22.69
N1 ANP I . 28.63 -14.19 21.31
C2 ANP I . 28.50 -12.99 20.72
N3 ANP I . 27.41 -12.21 20.88
C4 ANP I . 26.37 -12.62 21.65
#